data_4FP7
#
_entry.id   4FP7
#
_cell.length_a   85.148
_cell.length_b   94.466
_cell.length_c   129.931
_cell.angle_alpha   90.000
_cell.angle_beta   90.000
_cell.angle_gamma   90.000
#
_symmetry.space_group_name_H-M   'P 21 21 21'
#
loop_
_entity.id
_entity.type
_entity.pdbx_description
1 polymer 'DNA mismatch repair protein HSM3'
2 water water
#
_entity_poly.entity_id   1
_entity_poly.type   'polypeptide(L)'
_entity_poly.pdbx_seq_one_letter_code
;GPLTRRASVGSMSEKETNYVENLLTQLENELNEDNLPEDINTLLRKCSLNLVTVVSLPDMDVKPLLATIKRFLTSNVSYD
SLNYDYLLDVVDKLVPMADFDDVLEVYSAEDLVKALRSEIDPLKVAACRVIENSQPKGLFATSNIIDILLDILFDEKVEN
DKLITAIEKALERLSTDELIRRRLFDNNLPYLVSVKGRMETVSFVRLIDFLTIEFQFISGPEFKDIIFCFTKEEILKSVE
DILVFIELVNYYTKFLLEIRNQDKYWALRHVKKILPVFAQLFEDTENYPDVRAFSTNCLLQLFAEVSRIEEDEYSLFKTM
DKDSLKIGSEAKLITEWLELINPQYLVKYHKDVVENYFHVSGYSIGMLRNLSADEECFNAIRNKFSAEIVLRLPYLEQMQ
VVETLTRYEYTSKFLLNEMPKVMGSLIGDGSAGAIIDLETVHYRNSALRNLLDKGEEKLSVWYEPLLREYSKAVNGKNYS
TGSETKIADCR
;
_entity_poly.pdbx_strand_id   A,B
#
# COMPACT_ATOMS: atom_id res chain seq x y z
N TYR A 19 -29.07 14.23 4.13
CA TYR A 19 -28.64 13.27 3.12
C TYR A 19 -27.47 13.84 2.33
N VAL A 20 -27.37 13.47 1.05
CA VAL A 20 -26.28 13.92 0.19
C VAL A 20 -26.78 14.50 -1.13
N GLU A 21 -27.88 13.96 -1.64
CA GLU A 21 -28.58 14.58 -2.75
C GLU A 21 -29.04 15.97 -2.30
N ASN A 22 -29.57 16.05 -1.07
CA ASN A 22 -29.96 17.34 -0.50
C ASN A 22 -28.79 18.31 -0.41
N LEU A 23 -27.63 17.75 -0.08
CA LEU A 23 -26.44 18.52 0.16
C LEU A 23 -25.98 19.19 -1.14
N LEU A 24 -25.90 18.39 -2.21
CA LEU A 24 -25.45 18.88 -3.50
C LEU A 24 -26.42 19.88 -4.11
N THR A 25 -27.70 19.54 -4.12
CA THR A 25 -28.69 20.43 -4.72
C THR A 25 -28.74 21.76 -3.98
N GLN A 26 -28.56 21.73 -2.67
CA GLN A 26 -28.37 22.97 -1.90
C GLN A 26 -27.13 23.72 -2.39
N LEU A 27 -26.04 23.00 -2.63
CA LEU A 27 -24.80 23.60 -3.13
C LEU A 27 -25.03 24.22 -4.51
N GLU A 28 -25.67 23.45 -5.41
CA GLU A 28 -25.99 23.93 -6.75
C GLU A 28 -26.83 25.21 -6.65
N ASN A 29 -27.83 25.20 -5.76
CA ASN A 29 -28.66 26.40 -5.55
C ASN A 29 -27.86 27.59 -5.01
N GLU A 30 -26.98 27.35 -4.05
CA GLU A 30 -26.25 28.46 -3.42
C GLU A 30 -25.17 29.03 -4.33
N LEU A 31 -24.55 28.18 -5.13
CA LEU A 31 -23.59 28.65 -6.13
C LEU A 31 -24.25 29.57 -7.16
N ASN A 32 -25.53 29.33 -7.44
CA ASN A 32 -26.25 30.11 -8.46
C ASN A 32 -26.94 31.37 -7.96
N GLU A 33 -26.93 31.61 -6.64
CA GLU A 33 -27.49 32.84 -6.12
C GLU A 33 -26.71 34.05 -6.67
N ASP A 34 -27.40 35.19 -6.76
CA ASP A 34 -26.81 36.39 -7.36
C ASP A 34 -25.55 36.80 -6.60
N ASN A 35 -25.60 36.70 -5.28
CA ASN A 35 -24.39 36.73 -4.49
C ASN A 35 -24.20 35.40 -3.72
N LEU A 36 -22.95 35.02 -3.51
CA LEU A 36 -22.61 33.83 -2.71
C LEU A 36 -22.99 34.01 -1.23
N PRO A 37 -23.77 33.05 -0.69
CA PRO A 37 -24.10 33.02 0.75
C PRO A 37 -22.84 32.94 1.61
N GLU A 38 -22.93 33.37 2.86
CA GLU A 38 -21.78 33.37 3.77
C GLU A 38 -21.43 31.91 4.11
N ASP A 39 -22.46 31.09 3.91
CA ASP A 39 -22.47 29.64 4.11
C ASP A 39 -21.46 28.84 3.26
N ILE A 40 -21.16 29.35 2.06
CA ILE A 40 -20.72 28.54 0.93
C ILE A 40 -19.54 27.60 1.20
N ASN A 41 -18.52 28.09 1.88
CA ASN A 41 -17.36 27.26 2.13
C ASN A 41 -17.65 26.14 3.14
N THR A 42 -18.50 26.43 4.13
CA THR A 42 -18.90 25.39 5.06
C THR A 42 -19.71 24.31 4.34
N LEU A 43 -20.61 24.73 3.46
CA LEU A 43 -21.37 23.79 2.68
C LEU A 43 -20.47 22.90 1.80
N LEU A 44 -19.48 23.51 1.15
CA LEU A 44 -18.55 22.76 0.27
C LEU A 44 -17.78 21.73 1.10
N ARG A 45 -17.30 22.18 2.25
CA ARG A 45 -16.51 21.34 3.13
C ARG A 45 -17.31 20.12 3.53
N LYS A 46 -18.61 20.31 3.76
CA LYS A 46 -19.50 19.22 4.18
C LYS A 46 -19.83 18.30 3.01
N CYS A 47 -19.91 18.87 1.83
CA CYS A 47 -20.20 18.09 0.64
C CYS A 47 -19.12 17.05 0.37
N SER A 48 -17.86 17.46 0.44
CA SER A 48 -16.78 16.56 0.10
C SER A 48 -16.64 15.46 1.16
N LEU A 49 -16.77 15.84 2.43
CA LEU A 49 -16.65 14.88 3.53
C LEU A 49 -17.70 13.79 3.38
N ASN A 50 -18.86 14.14 2.83
CA ASN A 50 -19.97 13.19 2.70
C ASN A 50 -19.95 12.37 1.40
N LEU A 51 -19.31 12.89 0.36
CA LEU A 51 -19.14 12.14 -0.89
C LEU A 51 -18.12 11.02 -0.65
N VAL A 52 -17.11 11.34 0.15
CA VAL A 52 -16.14 10.36 0.63
C VAL A 52 -16.84 9.11 1.20
N THR A 53 -17.66 9.30 2.21
CA THR A 53 -18.24 8.18 2.93
C THR A 53 -19.18 7.35 2.05
N VAL A 54 -20.22 7.95 1.48
CA VAL A 54 -21.15 7.20 0.64
C VAL A 54 -20.48 6.79 -0.67
N ASP A 61 -28.78 13.72 -11.43
CA ASP A 61 -28.42 14.63 -12.52
C ASP A 61 -27.30 15.57 -12.06
N VAL A 62 -26.08 15.07 -12.10
CA VAL A 62 -24.92 15.77 -11.55
C VAL A 62 -24.40 16.87 -12.48
N LYS A 63 -24.98 16.98 -13.68
CA LYS A 63 -24.47 17.92 -14.68
C LYS A 63 -24.63 19.40 -14.31
N PRO A 64 -25.84 19.80 -13.86
CA PRO A 64 -26.01 21.21 -13.49
C PRO A 64 -24.91 21.73 -12.55
N LEU A 65 -24.66 21.00 -11.46
CA LEU A 65 -23.64 21.37 -10.49
C LEU A 65 -22.23 21.40 -11.08
N LEU A 66 -21.90 20.36 -11.86
CA LEU A 66 -20.60 20.28 -12.52
C LEU A 66 -20.43 21.44 -13.50
N ALA A 67 -21.49 21.79 -14.21
CA ALA A 67 -21.45 22.96 -15.10
C ALA A 67 -21.33 24.28 -14.32
N THR A 68 -22.02 24.37 -13.18
CA THR A 68 -21.96 25.59 -12.40
C THR A 68 -20.55 25.78 -11.88
N ILE A 69 -19.97 24.70 -11.35
CA ILE A 69 -18.60 24.76 -10.86
C ILE A 69 -17.65 25.12 -11.99
N LYS A 70 -17.89 24.57 -13.17
CA LYS A 70 -17.08 24.90 -14.32
C LYS A 70 -17.14 26.40 -14.66
N ARG A 71 -18.33 27.01 -14.55
CA ARG A 71 -18.48 28.43 -14.84
C ARG A 71 -17.63 29.30 -13.92
N PHE A 72 -17.56 28.93 -12.64
CA PHE A 72 -16.69 29.64 -11.70
C PHE A 72 -15.22 29.47 -12.09
N LEU A 73 -14.86 28.30 -12.60
CA LEU A 73 -13.45 28.00 -12.84
C LEU A 73 -12.91 28.64 -14.15
N THR A 74 -13.77 28.76 -15.15
CA THR A 74 -13.41 29.38 -16.42
C THR A 74 -13.63 30.88 -16.39
N SER A 75 -14.39 31.35 -15.40
CA SER A 75 -14.79 32.74 -15.33
C SER A 75 -13.63 33.71 -15.35
N ASN A 76 -13.84 34.87 -15.96
CA ASN A 76 -12.85 35.95 -15.94
C ASN A 76 -12.95 36.81 -14.67
N VAL A 77 -13.71 36.33 -13.67
CA VAL A 77 -13.82 37.01 -12.39
C VAL A 77 -13.54 36.03 -11.27
N SER A 78 -12.69 36.42 -10.33
CA SER A 78 -12.43 35.63 -9.15
C SER A 78 -13.36 36.08 -8.02
N TYR A 79 -13.71 35.15 -7.12
CA TYR A 79 -14.57 35.45 -5.97
C TYR A 79 -13.82 35.34 -4.65
N ASP A 80 -13.75 36.49 -3.96
CA ASP A 80 -12.94 36.63 -2.74
C ASP A 80 -13.31 35.68 -1.61
N SER A 81 -14.60 35.38 -1.48
CA SER A 81 -15.10 34.65 -0.33
C SER A 81 -15.14 33.15 -0.60
N LEU A 82 -15.03 32.77 -1.88
CA LEU A 82 -15.06 31.37 -2.29
C LEU A 82 -13.70 30.68 -2.11
N ASN A 83 -13.71 29.52 -1.45
CA ASN A 83 -12.49 28.71 -1.33
C ASN A 83 -12.36 27.74 -2.51
N TYR A 84 -11.45 28.08 -3.42
CA TYR A 84 -11.31 27.32 -4.66
C TYR A 84 -10.75 25.89 -4.44
N ASP A 85 -9.89 25.74 -3.44
CA ASP A 85 -9.48 24.39 -3.01
C ASP A 85 -10.67 23.54 -2.58
N TYR A 86 -11.59 24.11 -1.80
CA TYR A 86 -12.80 23.35 -1.41
C TYR A 86 -13.68 23.07 -2.62
N LEU A 87 -13.78 24.05 -3.51
CA LEU A 87 -14.54 23.84 -4.73
C LEU A 87 -13.90 22.67 -5.48
N LEU A 88 -12.58 22.72 -5.66
CA LEU A 88 -11.85 21.72 -6.44
C LEU A 88 -11.98 20.36 -5.82
N ASP A 89 -11.94 20.32 -4.48
CA ASP A 89 -12.09 19.05 -3.78
C ASP A 89 -13.45 18.43 -4.02
N VAL A 90 -14.50 19.24 -4.13
CA VAL A 90 -15.80 18.71 -4.48
C VAL A 90 -15.77 18.11 -5.91
N VAL A 91 -15.06 18.75 -6.84
CA VAL A 91 -14.98 18.21 -8.21
C VAL A 91 -14.21 16.89 -8.19
N ASP A 92 -13.13 16.87 -7.42
CA ASP A 92 -12.25 15.72 -7.34
C ASP A 92 -13.05 14.50 -6.88
N LYS A 93 -13.91 14.66 -5.89
CA LYS A 93 -14.69 13.55 -5.36
C LYS A 93 -15.87 13.19 -6.27
N LEU A 94 -16.41 14.19 -6.97
CA LEU A 94 -17.67 14.04 -7.70
C LEU A 94 -17.55 13.46 -9.11
N VAL A 95 -16.45 13.77 -9.80
CA VAL A 95 -16.23 13.29 -11.18
C VAL A 95 -16.16 11.75 -11.30
N PRO A 96 -15.39 11.10 -10.41
CA PRO A 96 -15.29 9.64 -10.51
C PRO A 96 -16.63 8.92 -10.30
N MET A 97 -17.56 9.57 -9.60
CA MET A 97 -18.83 8.95 -9.28
C MET A 97 -19.81 9.05 -10.45
N ALA A 98 -19.79 10.19 -11.14
CA ALA A 98 -20.72 10.43 -12.22
C ALA A 98 -20.55 9.43 -13.33
N ASP A 99 -21.49 9.42 -14.26
CA ASP A 99 -21.35 8.71 -15.53
C ASP A 99 -20.45 9.58 -16.39
N PHE A 100 -19.34 9.04 -16.88
CA PHE A 100 -18.38 9.87 -17.61
C PHE A 100 -18.99 10.48 -18.86
N ASP A 101 -20.12 9.94 -19.31
CA ASP A 101 -20.86 10.55 -20.42
C ASP A 101 -21.45 11.89 -19.99
N ASP A 102 -21.94 11.96 -18.75
CA ASP A 102 -22.47 13.20 -18.17
C ASP A 102 -21.36 14.23 -17.93
N VAL A 103 -20.25 13.76 -17.39
CA VAL A 103 -19.08 14.60 -17.23
C VAL A 103 -18.67 15.19 -18.57
N LEU A 104 -18.61 14.34 -19.58
CA LEU A 104 -18.16 14.73 -20.91
C LEU A 104 -19.04 15.82 -21.55
N GLU A 105 -20.33 15.84 -21.23
CA GLU A 105 -21.24 16.86 -21.75
C GLU A 105 -20.92 18.25 -21.16
N VAL A 106 -20.44 18.28 -19.93
CA VAL A 106 -20.01 19.53 -19.31
C VAL A 106 -18.60 19.90 -19.77
N TYR A 107 -17.69 18.92 -19.76
CA TYR A 107 -16.30 19.11 -20.17
C TYR A 107 -16.00 18.30 -21.44
N SER A 108 -16.06 18.96 -22.59
CA SER A 108 -15.68 18.33 -23.85
C SER A 108 -14.18 18.35 -24.04
N ALA A 109 -13.70 17.55 -25.00
CA ALA A 109 -12.27 17.51 -25.33
C ALA A 109 -11.78 18.92 -25.67
N GLU A 110 -12.62 19.70 -26.34
CA GLU A 110 -12.25 21.09 -26.67
C GLU A 110 -12.19 21.98 -25.41
N ASP A 111 -13.10 21.75 -24.46
CA ASP A 111 -13.05 22.48 -23.19
C ASP A 111 -11.76 22.16 -22.44
N LEU A 112 -11.36 20.90 -22.53
CA LEU A 112 -10.21 20.39 -21.77
C LEU A 112 -8.93 20.99 -22.33
N VAL A 113 -8.84 21.06 -23.64
CA VAL A 113 -7.69 21.68 -24.29
C VAL A 113 -7.59 23.12 -23.84
N LYS A 114 -8.71 23.83 -23.92
CA LYS A 114 -8.73 25.25 -23.59
C LYS A 114 -8.41 25.46 -22.11
N ALA A 115 -8.87 24.55 -21.25
CA ALA A 115 -8.59 24.62 -19.82
C ALA A 115 -7.09 24.44 -19.51
N LEU A 116 -6.48 23.49 -20.20
CA LEU A 116 -5.07 23.18 -19.95
C LEU A 116 -4.19 24.29 -20.47
N ARG A 117 -4.65 24.95 -21.53
CA ARG A 117 -3.91 26.07 -22.14
C ARG A 117 -4.15 27.41 -21.45
N SER A 118 -5.06 27.41 -20.48
CA SER A 118 -5.36 28.61 -19.70
C SER A 118 -4.19 29.03 -18.80
N GLU A 119 -4.44 30.06 -18.00
CA GLU A 119 -3.48 30.55 -17.01
C GLU A 119 -4.03 30.31 -15.61
N ILE A 120 -5.13 29.56 -15.53
CA ILE A 120 -5.86 29.37 -14.30
C ILE A 120 -5.60 27.98 -13.74
N ASP A 121 -4.68 27.90 -12.78
CA ASP A 121 -4.23 26.62 -12.23
C ASP A 121 -5.36 25.71 -11.75
N PRO A 122 -6.30 26.27 -10.98
CA PRO A 122 -7.44 25.48 -10.49
C PRO A 122 -8.28 24.84 -11.61
N LEU A 123 -8.45 25.57 -12.72
CA LEU A 123 -9.17 25.01 -13.86
C LEU A 123 -8.35 23.88 -14.51
N LYS A 124 -7.03 23.99 -14.48
CA LYS A 124 -6.15 22.94 -15.00
C LYS A 124 -6.24 21.65 -14.17
N VAL A 125 -6.27 21.80 -12.84
CA VAL A 125 -6.45 20.68 -11.92
C VAL A 125 -7.78 19.97 -12.19
N ALA A 126 -8.87 20.73 -12.28
CA ALA A 126 -10.16 20.20 -12.69
C ALA A 126 -10.03 19.42 -14.00
N ALA A 127 -9.50 20.05 -15.05
CA ALA A 127 -9.32 19.35 -16.33
C ALA A 127 -8.65 17.99 -16.11
N CYS A 128 -7.56 18.02 -15.37
CA CYS A 128 -6.83 16.80 -15.05
C CYS A 128 -7.69 15.71 -14.38
N ARG A 129 -8.60 16.09 -13.47
CA ARG A 129 -9.53 15.12 -12.86
C ARG A 129 -10.49 14.54 -13.90
N VAL A 130 -10.99 15.36 -14.82
CA VAL A 130 -11.87 14.85 -15.87
C VAL A 130 -11.10 13.82 -16.70
N ILE A 131 -9.96 14.24 -17.26
CA ILE A 131 -9.11 13.34 -18.05
C ILE A 131 -8.76 12.05 -17.31
N GLU A 132 -8.31 12.19 -16.07
CA GLU A 132 -7.94 11.04 -15.26
C GLU A 132 -9.01 9.92 -15.29
N ASN A 133 -10.28 10.32 -15.29
CA ASN A 133 -11.42 9.40 -15.12
C ASN A 133 -12.10 9.04 -16.44
N SER A 134 -11.41 9.32 -17.55
CA SER A 134 -11.88 8.99 -18.89
C SER A 134 -12.39 7.57 -19.01
N GLN A 135 -13.59 7.41 -19.56
CA GLN A 135 -14.11 6.11 -19.97
C GLN A 135 -14.70 6.23 -21.38
N PRO A 136 -14.21 5.42 -22.33
CA PRO A 136 -13.10 4.49 -22.10
C PRO A 136 -11.78 5.24 -21.92
N LYS A 137 -10.82 4.64 -21.23
CA LYS A 137 -9.56 5.28 -20.94
C LYS A 137 -8.92 5.86 -22.21
N GLY A 138 -9.14 5.19 -23.34
CA GLY A 138 -8.60 5.64 -24.62
C GLY A 138 -9.33 6.80 -25.29
N LEU A 139 -10.39 7.31 -24.68
CA LEU A 139 -11.20 8.33 -25.34
C LEU A 139 -10.39 9.49 -25.92
N PHE A 140 -9.49 10.06 -25.13
CA PHE A 140 -8.79 11.29 -25.54
C PHE A 140 -7.45 11.04 -26.23
N ALA A 141 -7.13 9.79 -26.55
CA ALA A 141 -5.85 9.46 -27.19
C ALA A 141 -5.72 9.99 -28.62
N THR A 142 -6.84 10.44 -29.20
CA THR A 142 -6.84 11.00 -30.54
C THR A 142 -6.57 12.51 -30.57
N SER A 143 -6.73 13.18 -29.42
CA SER A 143 -6.54 14.62 -29.35
C SER A 143 -5.09 14.96 -29.06
N ASN A 144 -4.76 16.24 -28.97
CA ASN A 144 -3.45 16.63 -28.50
C ASN A 144 -3.46 16.88 -26.97
N ILE A 145 -4.50 16.42 -26.29
CA ILE A 145 -4.66 16.56 -24.84
C ILE A 145 -3.49 15.97 -24.06
N ILE A 146 -3.15 14.70 -24.32
CA ILE A 146 -1.97 14.06 -23.72
C ILE A 146 -0.70 14.90 -23.95
N ASP A 147 -0.50 15.39 -25.18
CA ASP A 147 0.66 16.23 -25.54
C ASP A 147 0.78 17.45 -24.64
N ILE A 148 -0.33 18.13 -24.43
CA ILE A 148 -0.36 19.34 -23.60
C ILE A 148 -0.05 19.00 -22.14
N LEU A 149 -0.61 17.89 -21.65
CA LEU A 149 -0.27 17.40 -20.30
C LEU A 149 1.26 17.25 -20.15
N LEU A 150 1.94 16.67 -21.14
CA LEU A 150 3.40 16.52 -21.10
C LEU A 150 4.07 17.86 -21.17
N ASP A 151 3.55 18.75 -22.01
CA ASP A 151 4.08 20.10 -22.09
C ASP A 151 4.07 20.82 -20.73
N ILE A 152 3.03 20.60 -19.94
CA ILE A 152 2.96 21.19 -18.62
C ILE A 152 3.86 20.41 -17.66
N LEU A 153 3.76 19.09 -17.72
CA LEU A 153 4.48 18.26 -16.77
C LEU A 153 5.97 18.57 -16.76
N PHE A 154 6.58 18.74 -17.94
CA PHE A 154 8.02 18.95 -17.99
C PHE A 154 8.44 20.41 -18.15
N ASP A 155 7.55 21.34 -17.83
CA ASP A 155 7.88 22.78 -17.82
C ASP A 155 8.37 23.19 -16.45
N GLU A 156 9.67 23.48 -16.30
CA GLU A 156 10.25 23.66 -14.96
C GLU A 156 9.76 24.93 -14.25
N LYS A 157 9.20 25.85 -15.02
CA LYS A 157 8.58 27.03 -14.46
C LYS A 157 7.30 26.67 -13.69
N VAL A 158 6.68 25.53 -14.03
CA VAL A 158 5.49 25.10 -13.31
C VAL A 158 5.90 24.64 -11.94
N GLU A 159 5.36 25.29 -10.92
CA GLU A 159 5.78 25.07 -9.55
C GLU A 159 4.63 24.58 -8.70
N ASN A 160 3.45 24.53 -9.29
CA ASN A 160 2.29 24.08 -8.55
C ASN A 160 2.33 22.55 -8.44
N ASP A 161 2.81 22.07 -7.30
CA ASP A 161 2.93 20.65 -7.05
C ASP A 161 1.57 19.96 -7.09
N LYS A 162 0.50 20.70 -6.85
CA LYS A 162 -0.85 20.14 -6.94
C LYS A 162 -1.20 19.76 -8.39
N LEU A 163 -0.83 20.62 -9.33
CA LEU A 163 -1.05 20.39 -10.74
C LEU A 163 -0.17 19.25 -11.22
N ILE A 164 1.10 19.27 -10.81
CA ILE A 164 2.05 18.23 -11.21
C ILE A 164 1.53 16.87 -10.77
N THR A 165 1.01 16.81 -9.55
CA THR A 165 0.44 15.57 -9.04
C THR A 165 -0.81 15.14 -9.82
N ALA A 166 -1.72 16.08 -10.05
CA ALA A 166 -2.91 15.80 -10.83
C ALA A 166 -2.57 15.20 -12.20
N ILE A 167 -1.54 15.71 -12.84
CA ILE A 167 -1.16 15.22 -14.17
C ILE A 167 -0.64 13.78 -14.06
N GLU A 168 0.29 13.58 -13.14
CA GLU A 168 0.85 12.26 -12.91
C GLU A 168 -0.25 11.26 -12.58
N LYS A 169 -1.21 11.64 -11.74
CA LYS A 169 -2.38 10.77 -11.48
C LYS A 169 -3.20 10.52 -12.75
N ALA A 170 -3.41 11.54 -13.57
CA ALA A 170 -4.18 11.30 -14.77
C ALA A 170 -3.43 10.30 -15.63
N LEU A 171 -2.12 10.51 -15.78
CA LEU A 171 -1.31 9.66 -16.64
C LEU A 171 -1.16 8.21 -16.14
N GLU A 172 -1.06 8.02 -14.83
CA GLU A 172 -0.92 6.68 -14.30
C GLU A 172 -2.21 5.90 -14.55
N ARG A 173 -3.34 6.53 -14.23
CA ARG A 173 -4.63 5.88 -14.48
C ARG A 173 -4.85 5.49 -15.95
N LEU A 174 -4.62 6.41 -16.87
CA LEU A 174 -4.95 6.16 -18.26
C LEU A 174 -3.97 5.24 -18.97
N SER A 175 -2.78 5.08 -18.42
CA SER A 175 -1.71 4.39 -19.12
C SER A 175 -1.88 2.87 -19.14
N THR A 176 -2.89 2.35 -18.45
CA THR A 176 -3.20 0.94 -18.60
C THR A 176 -3.59 0.67 -20.04
N ASP A 177 -4.04 1.71 -20.74
CA ASP A 177 -4.60 1.59 -22.07
C ASP A 177 -3.58 1.78 -23.20
N GLU A 178 -3.66 0.92 -24.22
CA GLU A 178 -2.68 0.84 -25.29
C GLU A 178 -2.58 2.13 -26.09
N LEU A 179 -3.72 2.75 -26.30
CA LEU A 179 -3.79 3.96 -27.11
C LEU A 179 -3.14 5.15 -26.39
N ILE A 180 -3.32 5.25 -25.06
CA ILE A 180 -2.70 6.34 -24.31
C ILE A 180 -1.18 6.19 -24.41
N ARG A 181 -0.69 4.96 -24.26
CA ARG A 181 0.75 4.68 -24.31
C ARG A 181 1.38 4.99 -25.66
N ARG A 182 0.62 4.87 -26.75
CA ARG A 182 1.14 5.20 -28.10
C ARG A 182 1.18 6.71 -28.31
N ARG A 183 0.14 7.40 -27.89
CA ARG A 183 0.15 8.86 -27.89
C ARG A 183 1.43 9.34 -27.16
N LEU A 184 1.75 8.70 -26.03
CA LEU A 184 2.90 9.10 -25.21
C LEU A 184 4.24 8.80 -25.89
N PHE A 185 4.51 7.53 -26.14
CA PHE A 185 5.84 7.11 -26.59
C PHE A 185 6.00 7.05 -28.11
N ASP A 186 4.93 7.27 -28.87
CA ASP A 186 5.05 7.48 -30.33
C ASP A 186 4.91 8.96 -30.69
N ASN A 187 3.71 9.51 -30.52
CA ASN A 187 3.43 10.90 -30.84
C ASN A 187 4.33 11.92 -30.15
N ASN A 188 4.80 11.63 -28.94
CA ASN A 188 5.65 12.58 -28.23
C ASN A 188 7.08 12.11 -27.96
N LEU A 189 7.56 11.10 -28.67
CA LEU A 189 8.88 10.56 -28.38
C LEU A 189 10.00 11.60 -28.47
N PRO A 190 10.01 12.42 -29.53
CA PRO A 190 11.18 13.32 -29.63
C PRO A 190 11.23 14.35 -28.50
N TYR A 191 10.08 14.86 -28.11
CA TYR A 191 9.99 15.78 -27.00
C TYR A 191 10.49 15.07 -25.70
N LEU A 192 9.97 13.89 -25.41
CA LEU A 192 10.42 13.19 -24.22
C LEU A 192 11.94 13.00 -24.23
N VAL A 193 12.49 12.65 -25.39
CA VAL A 193 13.92 12.41 -25.47
C VAL A 193 14.64 13.74 -25.29
N SER A 194 14.03 14.82 -25.78
CA SER A 194 14.66 16.11 -25.52
C SER A 194 14.67 16.46 -24.02
N VAL A 195 13.61 16.14 -23.29
CA VAL A 195 13.58 16.36 -21.84
C VAL A 195 14.68 15.53 -21.14
N LYS A 196 14.83 14.29 -21.57
CA LYS A 196 15.86 13.40 -21.06
C LYS A 196 17.27 13.97 -21.27
N GLY A 197 17.46 14.65 -22.38
CA GLY A 197 18.73 15.28 -22.72
C GLY A 197 19.02 16.59 -21.98
N ARG A 198 17.99 17.33 -21.58
CA ARG A 198 18.22 18.56 -20.85
C ARG A 198 18.99 18.18 -19.62
N MET A 199 18.44 17.19 -18.92
CA MET A 199 18.89 16.83 -17.58
C MET A 199 18.82 18.07 -16.71
N GLU A 200 17.71 18.79 -16.82
CA GLU A 200 17.50 19.94 -15.97
C GLU A 200 16.76 19.45 -14.74
N THR A 201 17.33 19.72 -13.57
CA THR A 201 16.99 18.97 -12.38
C THR A 201 15.48 18.78 -12.16
N VAL A 202 14.70 19.84 -12.28
CA VAL A 202 13.28 19.75 -11.94
C VAL A 202 12.50 18.92 -12.95
N SER A 203 12.67 19.19 -14.23
CA SER A 203 11.94 18.44 -15.22
C SER A 203 12.50 17.03 -15.26
N PHE A 204 13.78 16.87 -14.95
CA PHE A 204 14.38 15.53 -15.00
C PHE A 204 13.76 14.57 -13.99
N VAL A 205 13.57 15.05 -12.77
CA VAL A 205 12.96 14.25 -11.72
C VAL A 205 11.54 13.86 -12.12
N ARG A 206 10.81 14.79 -12.72
CA ARG A 206 9.44 14.47 -13.15
C ARG A 206 9.49 13.39 -14.25
N LEU A 207 10.46 13.50 -15.15
CA LEU A 207 10.70 12.50 -16.18
C LEU A 207 10.98 11.10 -15.59
N ILE A 208 11.91 11.01 -14.66
CA ILE A 208 12.18 9.74 -13.98
C ILE A 208 10.92 9.15 -13.31
N ASP A 209 10.14 9.96 -12.62
CA ASP A 209 8.91 9.48 -11.99
C ASP A 209 7.95 8.99 -13.07
N PHE A 210 7.90 9.75 -14.16
CA PHE A 210 7.05 9.38 -15.28
C PHE A 210 7.46 8.02 -15.89
N LEU A 211 8.74 7.82 -16.11
CA LEU A 211 9.25 6.55 -16.66
C LEU A 211 9.05 5.36 -15.69
N THR A 212 9.14 5.63 -14.38
CA THR A 212 8.88 4.58 -13.41
C THR A 212 7.41 4.17 -13.48
N ILE A 213 6.52 5.13 -13.49
CA ILE A 213 5.11 4.81 -13.64
C ILE A 213 4.87 4.03 -14.92
N GLU A 214 5.40 4.51 -16.05
CA GLU A 214 5.11 3.90 -17.34
C GLU A 214 5.69 2.49 -17.49
N PHE A 215 6.85 2.23 -16.92
CA PHE A 215 7.43 0.90 -17.08
C PHE A 215 6.50 -0.23 -16.58
N GLN A 216 5.66 0.09 -15.60
CA GLN A 216 4.68 -0.83 -15.06
C GLN A 216 3.73 -1.36 -16.12
N PHE A 217 3.52 -0.60 -17.18
CA PHE A 217 2.46 -0.90 -18.12
C PHE A 217 3.00 -1.34 -19.48
N ILE A 218 4.31 -1.22 -19.65
CA ILE A 218 4.90 -1.36 -20.97
C ILE A 218 5.28 -2.79 -21.30
N SER A 219 4.95 -3.20 -22.52
CA SER A 219 5.25 -4.56 -23.02
C SER A 219 6.58 -4.58 -23.72
N GLY A 220 7.15 -5.75 -23.89
CA GLY A 220 8.38 -5.87 -24.66
C GLY A 220 8.36 -5.14 -26.01
N PRO A 221 7.29 -5.31 -26.80
CA PRO A 221 7.24 -4.70 -28.13
C PRO A 221 7.12 -3.18 -28.09
N GLU A 222 6.48 -2.67 -27.03
CA GLU A 222 6.36 -1.24 -26.85
C GLU A 222 7.66 -0.59 -26.34
N PHE A 223 8.60 -1.39 -25.84
CA PHE A 223 9.75 -0.85 -25.12
C PHE A 223 10.74 -0.14 -26.04
N LYS A 224 11.08 1.10 -25.69
CA LYS A 224 12.05 1.89 -26.44
C LYS A 224 13.24 2.34 -25.59
N ASP A 225 14.40 1.78 -25.90
CA ASP A 225 15.64 2.03 -25.19
C ASP A 225 15.91 3.50 -25.09
N ILE A 226 15.54 4.24 -26.13
CA ILE A 226 15.99 5.60 -26.33
C ILE A 226 15.44 6.52 -25.25
N ILE A 227 14.31 6.11 -24.66
CA ILE A 227 13.68 6.91 -23.63
C ILE A 227 13.75 6.26 -22.23
N PHE A 228 13.80 4.93 -22.15
CA PHE A 228 13.80 4.25 -20.84
C PHE A 228 15.21 3.95 -20.34
N CYS A 229 16.20 4.08 -21.21
CA CYS A 229 17.56 3.67 -20.89
C CYS A 229 18.55 4.80 -21.08
N PHE A 230 19.58 4.79 -20.24
CA PHE A 230 20.63 5.79 -20.24
C PHE A 230 21.98 5.17 -20.65
N THR A 231 22.70 5.87 -21.51
CA THR A 231 24.04 5.49 -21.92
C THR A 231 25.05 5.76 -20.82
N LYS A 232 26.22 5.17 -20.96
CA LYS A 232 27.35 5.45 -20.08
C LYS A 232 27.60 6.96 -20.00
N GLU A 233 27.52 7.64 -21.14
CA GLU A 233 27.86 9.05 -21.17
C GLU A 233 26.82 9.88 -20.45
N GLU A 234 25.55 9.50 -20.57
CA GLU A 234 24.49 10.19 -19.81
C GLU A 234 24.68 10.03 -18.30
N ILE A 235 25.08 8.84 -17.88
CA ILE A 235 25.27 8.55 -16.46
C ILE A 235 26.44 9.36 -15.93
N LEU A 236 27.52 9.42 -16.71
CA LEU A 236 28.68 10.23 -16.34
C LEU A 236 28.32 11.71 -16.31
N LYS A 237 27.54 12.15 -17.28
CA LYS A 237 27.02 13.52 -17.30
C LYS A 237 26.28 13.85 -16.00
N SER A 238 25.53 12.88 -15.50
CA SER A 238 24.61 13.13 -14.38
C SER A 238 25.36 13.38 -13.07
N VAL A 239 26.59 12.90 -12.99
CA VAL A 239 27.36 13.06 -11.78
C VAL A 239 27.61 14.53 -11.47
N GLU A 240 27.67 15.36 -12.51
CA GLU A 240 27.85 16.81 -12.32
C GLU A 240 26.86 17.42 -11.31
N ASP A 241 25.63 16.90 -11.29
CA ASP A 241 24.63 17.35 -10.31
C ASP A 241 24.20 16.17 -9.45
N ILE A 242 24.94 15.88 -8.38
CA ILE A 242 24.80 14.60 -7.69
C ILE A 242 23.32 14.23 -7.45
N LEU A 243 22.46 15.24 -7.37
CA LEU A 243 21.03 15.03 -7.19
C LEU A 243 20.41 14.24 -8.36
N VAL A 244 20.74 14.65 -9.58
CA VAL A 244 20.31 13.93 -10.78
C VAL A 244 20.87 12.48 -10.79
N PHE A 245 22.15 12.33 -10.49
CA PHE A 245 22.77 11.03 -10.43
C PHE A 245 22.01 10.11 -9.47
N ILE A 246 21.70 10.62 -8.28
CA ILE A 246 20.99 9.85 -7.28
C ILE A 246 19.61 9.41 -7.78
N GLU A 247 18.89 10.30 -8.45
CA GLU A 247 17.61 9.94 -9.08
C GLU A 247 17.80 8.78 -10.03
N LEU A 248 18.90 8.85 -10.77
CA LEU A 248 19.18 7.86 -11.78
C LEU A 248 19.51 6.51 -11.12
N VAL A 249 20.28 6.54 -10.03
CA VAL A 249 20.59 5.32 -9.29
C VAL A 249 19.31 4.63 -8.82
N ASN A 250 18.47 5.42 -8.16
CA ASN A 250 17.17 4.98 -7.67
C ASN A 250 16.24 4.53 -8.82
N TYR A 251 16.24 5.27 -9.92
CA TYR A 251 15.51 4.83 -11.12
C TYR A 251 15.87 3.41 -11.49
N TYR A 252 17.17 3.14 -11.59
CA TYR A 252 17.64 1.81 -11.96
C TYR A 252 17.37 0.75 -10.90
N THR A 253 17.36 1.14 -9.63
CA THR A 253 17.06 0.17 -8.59
C THR A 253 15.58 -0.23 -8.68
N LYS A 254 14.69 0.74 -8.86
CA LYS A 254 13.27 0.42 -8.98
C LYS A 254 13.02 -0.34 -10.26
N PHE A 255 13.76 0.01 -11.32
CA PHE A 255 13.70 -0.65 -12.64
C PHE A 255 13.95 -2.14 -12.46
N LEU A 256 15.05 -2.49 -11.80
CA LEU A 256 15.37 -3.90 -11.58
C LEU A 256 14.38 -4.54 -10.61
N LEU A 257 13.89 -3.77 -9.65
CA LEU A 257 12.95 -4.34 -8.69
C LEU A 257 11.68 -4.75 -9.45
N GLU A 258 11.19 -3.84 -10.31
CA GLU A 258 10.01 -4.07 -11.10
C GLU A 258 10.22 -5.22 -12.07
N ILE A 259 11.42 -5.33 -12.63
CA ILE A 259 11.71 -6.47 -13.49
C ILE A 259 11.39 -7.76 -12.74
N ARG A 260 11.89 -7.91 -11.51
CA ARG A 260 11.65 -9.11 -10.69
C ARG A 260 10.20 -9.26 -10.18
N ASN A 261 9.54 -8.17 -9.81
CA ASN A 261 8.17 -8.25 -9.32
C ASN A 261 7.12 -8.53 -10.39
N GLN A 262 7.39 -8.12 -11.62
CA GLN A 262 6.45 -8.29 -12.72
C GLN A 262 6.96 -9.31 -13.76
N ASP A 263 8.04 -10.00 -13.42
CA ASP A 263 8.70 -10.94 -14.34
C ASP A 263 8.82 -10.41 -15.77
N LYS A 264 9.54 -9.30 -15.93
CA LYS A 264 9.79 -8.71 -17.25
C LYS A 264 11.25 -8.86 -17.56
N TYR A 265 11.73 -10.08 -17.45
CA TYR A 265 13.15 -10.38 -17.66
C TYR A 265 13.65 -9.98 -19.04
N TRP A 266 12.75 -9.83 -20.02
CA TRP A 266 13.15 -9.36 -21.35
C TRP A 266 13.79 -8.00 -21.29
N ALA A 267 13.37 -7.18 -20.31
CA ALA A 267 13.98 -5.87 -20.13
C ALA A 267 15.45 -5.95 -19.72
N LEU A 268 15.90 -7.05 -19.11
CA LEU A 268 17.27 -7.09 -18.59
C LEU A 268 18.32 -6.83 -19.66
N ARG A 269 18.13 -7.37 -20.86
CA ARG A 269 19.14 -7.24 -21.93
C ARG A 269 19.35 -5.76 -22.29
N HIS A 270 18.31 -4.95 -22.06
CA HIS A 270 18.38 -3.52 -22.34
C HIS A 270 19.09 -2.70 -21.27
N VAL A 271 19.35 -3.30 -20.11
CA VAL A 271 19.85 -2.56 -18.94
C VAL A 271 21.23 -3.05 -18.47
N LYS A 272 21.51 -4.34 -18.71
CA LYS A 272 22.73 -4.99 -18.21
C LYS A 272 24.01 -4.21 -18.46
N LYS A 273 24.14 -3.61 -19.64
CA LYS A 273 25.43 -3.13 -20.10
C LYS A 273 25.94 -1.86 -19.41
N ILE A 274 25.03 -1.08 -18.84
CA ILE A 274 25.47 0.13 -18.16
C ILE A 274 25.65 -0.04 -16.65
N LEU A 275 25.35 -1.22 -16.09
CA LEU A 275 25.41 -1.41 -14.64
C LEU A 275 26.83 -1.34 -14.07
N PRO A 276 27.83 -1.91 -14.78
CA PRO A 276 29.21 -1.71 -14.33
C PRO A 276 29.62 -0.25 -14.22
N VAL A 277 28.97 0.66 -14.95
CA VAL A 277 29.30 2.09 -14.85
C VAL A 277 29.01 2.63 -13.46
N PHE A 278 27.86 2.28 -12.88
CA PHE A 278 27.56 2.68 -11.49
C PHE A 278 28.65 2.13 -10.54
N ALA A 279 29.11 0.91 -10.81
CA ALA A 279 30.13 0.28 -9.97
C ALA A 279 31.47 0.99 -10.12
N GLN A 280 31.82 1.36 -11.34
CA GLN A 280 33.06 2.12 -11.59
C GLN A 280 33.04 3.46 -10.86
N LEU A 281 31.90 4.12 -10.84
CA LEU A 281 31.74 5.41 -10.17
C LEU A 281 31.85 5.23 -8.66
N PHE A 282 31.31 4.14 -8.16
CA PHE A 282 31.35 3.81 -6.73
C PHE A 282 32.81 3.62 -6.23
N GLU A 283 33.65 3.00 -7.06
CA GLU A 283 35.04 2.75 -6.69
C GLU A 283 35.94 4.01 -6.79
N ASP A 284 35.59 4.95 -7.68
CA ASP A 284 36.52 6.02 -8.06
C ASP A 284 36.36 7.23 -7.17
N THR A 285 36.71 7.06 -5.91
CA THR A 285 36.42 8.05 -4.90
C THR A 285 37.21 9.35 -5.04
N GLU A 286 38.32 9.30 -5.77
CA GLU A 286 39.22 10.44 -5.87
C GLU A 286 38.74 11.37 -6.98
N ASN A 287 38.29 10.80 -8.08
CA ASN A 287 37.83 11.60 -9.21
C ASN A 287 36.34 11.94 -9.12
N TYR A 288 35.60 11.17 -8.33
CA TYR A 288 34.16 11.42 -8.18
C TYR A 288 33.80 11.33 -6.72
N PRO A 289 34.41 12.19 -5.89
CA PRO A 289 34.15 12.20 -4.45
C PRO A 289 32.67 12.32 -4.10
N ASP A 290 31.89 13.05 -4.90
CA ASP A 290 30.48 13.23 -4.56
C ASP A 290 29.71 11.91 -4.55
N VAL A 291 30.16 10.94 -5.35
CA VAL A 291 29.45 9.68 -5.50
C VAL A 291 29.45 8.93 -4.17
N ARG A 292 30.63 8.68 -3.59
CA ARG A 292 30.67 7.99 -2.30
C ARG A 292 30.14 8.88 -1.17
N ALA A 293 30.34 10.19 -1.27
CA ALA A 293 29.91 11.11 -0.21
C ALA A 293 28.38 11.21 -0.05
N PHE A 294 27.64 11.17 -1.15
CA PHE A 294 26.20 11.45 -1.10
C PHE A 294 25.30 10.28 -1.50
N SER A 295 25.81 9.33 -2.26
CA SER A 295 24.95 8.29 -2.83
C SER A 295 25.37 6.86 -2.51
N THR A 296 26.08 6.66 -1.39
CA THR A 296 26.59 5.33 -1.06
C THR A 296 25.46 4.33 -0.75
N ASN A 297 24.44 4.74 0.00
CA ASN A 297 23.39 3.82 0.39
C ASN A 297 22.48 3.48 -0.79
N CYS A 298 22.23 4.46 -1.63
CA CYS A 298 21.47 4.29 -2.85
C CYS A 298 22.18 3.32 -3.78
N LEU A 299 23.49 3.49 -3.92
CA LEU A 299 24.25 2.57 -4.78
C LEU A 299 24.24 1.15 -4.22
N LEU A 300 24.35 1.01 -2.91
CA LEU A 300 24.30 -0.31 -2.31
C LEU A 300 22.98 -1.00 -2.59
N GLN A 301 21.88 -0.24 -2.54
CA GLN A 301 20.58 -0.83 -2.85
C GLN A 301 20.58 -1.25 -4.32
N LEU A 302 21.21 -0.46 -5.19
CA LEU A 302 21.29 -0.84 -6.60
C LEU A 302 22.06 -2.17 -6.74
N PHE A 303 23.20 -2.29 -6.07
CA PHE A 303 24.03 -3.49 -6.23
C PHE A 303 23.37 -4.72 -5.65
N ALA A 304 22.53 -4.53 -4.64
CA ALA A 304 21.74 -5.61 -4.12
C ALA A 304 20.84 -6.20 -5.22
N GLU A 305 20.15 -5.34 -5.98
CA GLU A 305 19.32 -5.81 -7.08
C GLU A 305 20.17 -6.45 -8.19
N VAL A 306 21.31 -5.85 -8.53
CA VAL A 306 22.16 -6.43 -9.57
C VAL A 306 22.59 -7.86 -9.19
N SER A 307 22.88 -8.10 -7.91
CA SER A 307 23.31 -9.43 -7.44
C SER A 307 22.20 -10.50 -7.53
N ARG A 308 20.98 -10.04 -7.77
CA ARG A 308 19.81 -10.91 -7.90
C ARG A 308 19.20 -10.98 -9.31
N ILE A 309 19.80 -10.34 -10.29
CA ILE A 309 19.21 -10.37 -11.64
C ILE A 309 19.22 -11.79 -12.23
N GLU A 310 18.24 -12.04 -13.10
CA GLU A 310 18.20 -13.27 -13.91
C GLU A 310 19.33 -13.31 -14.96
N GLU A 311 20.46 -13.92 -14.56
CA GLU A 311 21.63 -14.09 -15.43
C GLU A 311 22.32 -15.39 -15.03
N ASP A 312 23.27 -15.85 -15.85
CA ASP A 312 24.04 -17.04 -15.52
C ASP A 312 25.52 -16.81 -15.76
N GLU A 313 26.36 -16.89 -14.73
CA GLU A 313 25.95 -17.05 -13.34
C GLU A 313 26.76 -16.04 -12.54
N TYR A 314 26.10 -14.98 -12.12
CA TYR A 314 26.76 -13.85 -11.47
C TYR A 314 27.82 -13.29 -12.40
N SER A 315 27.64 -13.56 -13.70
CA SER A 315 28.61 -13.17 -14.71
C SER A 315 28.93 -11.68 -14.61
N LEU A 316 27.88 -10.86 -14.71
CA LEU A 316 27.99 -9.41 -14.65
C LEU A 316 28.35 -8.90 -13.24
N PHE A 317 27.63 -9.38 -12.22
CA PHE A 317 27.91 -8.93 -10.85
C PHE A 317 29.33 -9.33 -10.37
N LYS A 318 29.72 -10.57 -10.66
CA LYS A 318 31.06 -11.06 -10.38
C LYS A 318 32.14 -10.13 -10.92
N THR A 319 31.89 -9.59 -12.12
CA THR A 319 32.87 -8.76 -12.81
C THR A 319 32.90 -7.37 -12.20
N MET A 320 31.72 -6.84 -11.88
CA MET A 320 31.62 -5.56 -11.16
C MET A 320 32.30 -5.67 -9.80
N ASP A 321 32.14 -6.82 -9.16
CA ASP A 321 32.75 -7.01 -7.84
C ASP A 321 34.27 -7.06 -7.97
N LYS A 322 34.78 -7.92 -8.86
CA LYS A 322 36.23 -8.02 -9.09
C LYS A 322 36.86 -6.68 -9.47
N ASP A 323 36.22 -5.97 -10.40
CA ASP A 323 36.79 -4.74 -10.92
C ASP A 323 36.58 -3.53 -10.01
N SER A 324 35.48 -3.49 -9.27
CA SER A 324 35.08 -2.21 -8.66
C SER A 324 34.60 -2.28 -7.22
N LEU A 325 33.66 -3.18 -6.93
CA LEU A 325 33.05 -3.20 -5.61
C LEU A 325 34.01 -3.80 -4.57
N LYS A 326 34.66 -4.91 -4.92
CA LYS A 326 35.71 -5.47 -4.06
C LYS A 326 35.21 -5.72 -2.65
N ILE A 327 34.13 -6.49 -2.57
CA ILE A 327 33.47 -6.82 -1.30
C ILE A 327 34.43 -7.50 -0.34
N GLY A 328 34.59 -6.91 0.83
CA GLY A 328 35.52 -7.46 1.81
C GLY A 328 36.75 -6.59 2.00
N SER A 329 37.12 -5.81 0.99
CA SER A 329 38.36 -5.03 1.06
C SER A 329 38.15 -3.68 1.74
N GLU A 330 36.91 -3.29 1.94
CA GLU A 330 36.66 -2.06 2.66
C GLU A 330 35.85 -2.41 3.92
N ALA A 331 36.53 -2.44 5.07
CA ALA A 331 35.95 -3.04 6.28
C ALA A 331 34.66 -2.40 6.74
N LYS A 332 34.57 -1.07 6.63
CA LYS A 332 33.40 -0.33 7.08
C LYS A 332 32.13 -0.59 6.26
N LEU A 333 32.26 -1.32 5.14
CA LEU A 333 31.10 -1.64 4.32
C LEU A 333 30.66 -3.09 4.48
N ILE A 334 31.43 -3.89 5.21
CA ILE A 334 31.16 -5.33 5.19
C ILE A 334 29.77 -5.69 5.74
N THR A 335 29.33 -5.07 6.83
CA THR A 335 27.98 -5.36 7.31
C THR A 335 26.92 -5.05 6.21
N GLU A 336 27.06 -3.91 5.55
CA GLU A 336 26.10 -3.50 4.56
C GLU A 336 26.05 -4.54 3.45
N TRP A 337 27.22 -5.00 3.03
CA TRP A 337 27.30 -5.95 1.92
C TRP A 337 26.65 -7.26 2.32
N LEU A 338 26.89 -7.72 3.56
CA LEU A 338 26.39 -9.02 3.97
C LEU A 338 24.92 -8.96 4.35
N GLU A 339 24.39 -7.74 4.49
CA GLU A 339 22.96 -7.52 4.71
C GLU A 339 22.22 -7.48 3.38
N LEU A 340 22.92 -7.07 2.33
CA LEU A 340 22.23 -6.68 1.12
C LEU A 340 22.45 -7.61 -0.07
N ILE A 341 23.66 -8.15 -0.21
CA ILE A 341 24.02 -8.89 -1.42
C ILE A 341 23.50 -10.33 -1.42
N ASN A 342 23.05 -10.80 -2.58
CA ASN A 342 22.61 -12.18 -2.74
C ASN A 342 23.48 -13.16 -1.91
N PRO A 343 22.87 -13.86 -0.96
CA PRO A 343 23.65 -14.75 -0.09
C PRO A 343 24.38 -15.90 -0.83
N GLN A 344 23.80 -16.40 -1.89
CA GLN A 344 24.45 -17.43 -2.66
C GLN A 344 25.72 -16.86 -3.32
N TYR A 345 25.63 -15.63 -3.81
CA TYR A 345 26.80 -14.99 -4.36
C TYR A 345 27.88 -14.82 -3.27
N LEU A 346 27.50 -14.30 -2.11
CA LEU A 346 28.43 -14.12 -1.02
C LEU A 346 29.15 -15.41 -0.61
N VAL A 347 28.45 -16.53 -0.47
CA VAL A 347 29.09 -17.74 0.03
C VAL A 347 30.01 -18.36 -1.03
N LYS A 348 29.73 -18.11 -2.30
CA LYS A 348 30.53 -18.67 -3.37
C LYS A 348 31.80 -17.87 -3.67
N TYR A 349 31.76 -16.56 -3.48
CA TYR A 349 32.88 -15.72 -3.85
C TYR A 349 33.56 -15.07 -2.68
N HIS A 350 32.92 -15.13 -1.52
CA HIS A 350 33.45 -14.48 -0.34
C HIS A 350 33.16 -15.31 0.90
N LYS A 351 33.22 -16.63 0.76
CA LYS A 351 33.02 -17.53 1.89
C LYS A 351 33.86 -17.14 3.10
N ASP A 352 35.14 -16.86 2.87
CA ASP A 352 36.04 -16.41 3.93
C ASP A 352 35.51 -15.22 4.74
N VAL A 353 34.94 -14.22 4.08
CA VAL A 353 34.36 -13.08 4.78
C VAL A 353 33.15 -13.51 5.63
N VAL A 354 32.28 -14.31 5.05
CA VAL A 354 31.10 -14.80 5.74
C VAL A 354 31.47 -15.61 7.00
N GLU A 355 32.34 -16.60 6.85
CA GLU A 355 32.74 -17.45 7.97
C GLU A 355 33.40 -16.68 9.11
N ASN A 356 34.07 -15.58 8.82
CA ASN A 356 34.86 -14.90 9.82
C ASN A 356 34.13 -13.69 10.42
N TYR A 357 33.34 -13.00 9.61
CA TYR A 357 32.84 -11.71 10.01
C TYR A 357 31.58 -11.80 10.88
N PHE A 358 30.73 -12.77 10.60
CA PHE A 358 29.44 -12.83 11.24
C PHE A 358 29.49 -13.52 12.62
N HIS A 359 28.81 -12.92 13.59
CA HIS A 359 28.59 -13.51 14.89
C HIS A 359 27.19 -13.09 15.35
N VAL A 360 26.55 -13.93 16.17
CA VAL A 360 25.21 -13.64 16.66
C VAL A 360 25.13 -12.49 17.71
N SER A 361 24.21 -11.54 17.45
CA SER A 361 23.89 -10.42 18.35
C SER A 361 22.65 -9.75 17.78
N GLY A 362 22.07 -8.83 18.56
CA GLY A 362 21.02 -7.96 18.07
C GLY A 362 21.45 -7.13 16.85
N TYR A 363 22.68 -6.63 16.88
CA TYR A 363 23.24 -5.85 15.78
C TYR A 363 23.31 -6.63 14.46
N SER A 364 23.55 -7.94 14.52
CA SER A 364 23.80 -8.72 13.30
C SER A 364 22.55 -9.42 12.72
N ILE A 365 21.38 -9.09 13.26
CA ILE A 365 20.16 -9.71 12.80
C ILE A 365 19.87 -9.36 11.35
N GLY A 366 20.28 -8.16 10.92
CA GLY A 366 20.16 -7.77 9.53
C GLY A 366 20.96 -8.74 8.67
N MET A 367 22.21 -9.00 9.06
CA MET A 367 23.04 -9.94 8.33
C MET A 367 22.45 -11.35 8.32
N LEU A 368 21.91 -11.78 9.46
CA LEU A 368 21.33 -13.11 9.61
C LEU A 368 20.16 -13.37 8.68
N ARG A 369 19.26 -12.39 8.59
CA ARG A 369 18.11 -12.48 7.68
C ARG A 369 18.53 -12.64 6.24
N ASN A 370 19.70 -12.14 5.88
CA ASN A 370 20.11 -12.20 4.49
C ASN A 370 20.94 -13.47 4.27
N LEU A 371 21.95 -13.70 5.12
CA LEU A 371 22.83 -14.85 4.97
C LEU A 371 22.05 -16.18 5.09
N SER A 372 20.93 -16.14 5.81
CA SER A 372 20.13 -17.33 6.09
C SER A 372 19.30 -17.78 4.92
N ALA A 373 19.02 -16.86 4.01
CA ALA A 373 18.17 -17.16 2.86
C ALA A 373 18.86 -18.01 1.79
N ASP A 374 20.04 -18.56 2.06
CA ASP A 374 20.63 -19.54 1.16
C ASP A 374 21.24 -20.64 1.99
N GLU A 375 21.00 -21.90 1.62
CA GLU A 375 21.33 -23.00 2.48
C GLU A 375 22.83 -23.13 2.67
N GLU A 376 23.57 -23.15 1.58
CA GLU A 376 25.03 -23.17 1.64
C GLU A 376 25.61 -21.98 2.43
N CYS A 377 25.06 -20.78 2.23
CA CYS A 377 25.53 -19.63 2.97
C CYS A 377 25.19 -19.81 4.47
N PHE A 378 24.03 -20.36 4.76
CA PHE A 378 23.69 -20.66 6.15
C PHE A 378 24.70 -21.64 6.76
N ASN A 379 25.12 -22.65 5.99
CA ASN A 379 26.07 -23.62 6.52
C ASN A 379 27.39 -23.00 6.86
N ALA A 380 27.75 -21.91 6.19
CA ALA A 380 28.96 -21.16 6.55
C ALA A 380 28.84 -20.33 7.85
N ILE A 381 27.62 -20.10 8.35
CA ILE A 381 27.50 -19.39 9.64
C ILE A 381 26.91 -20.26 10.77
N ARG A 382 26.60 -21.50 10.44
CA ARG A 382 25.97 -22.41 11.40
C ARG A 382 26.74 -22.53 12.70
N ASN A 383 28.05 -22.70 12.59
CA ASN A 383 28.89 -22.96 13.74
C ASN A 383 28.99 -21.74 14.65
N LYS A 384 28.44 -20.60 14.24
CA LYS A 384 28.39 -19.44 15.13
C LYS A 384 27.20 -19.51 16.09
N PHE A 385 26.28 -20.46 15.88
CA PHE A 385 25.16 -20.57 16.79
C PHE A 385 25.44 -21.56 17.93
N SER A 386 24.95 -21.20 19.10
CA SER A 386 24.81 -22.17 20.17
C SER A 386 23.64 -21.72 20.98
N ALA A 387 22.99 -22.67 21.64
CA ALA A 387 21.86 -22.36 22.49
C ALA A 387 22.28 -21.26 23.45
N GLU A 388 23.49 -21.40 23.98
CA GLU A 388 23.97 -20.51 25.03
C GLU A 388 24.02 -19.06 24.56
N ILE A 389 24.54 -18.82 23.36
CA ILE A 389 24.66 -17.44 22.87
C ILE A 389 23.29 -16.84 22.57
N VAL A 390 22.41 -17.64 21.99
CA VAL A 390 21.07 -17.15 21.67
C VAL A 390 20.28 -16.82 22.94
N LEU A 391 20.46 -17.61 24.00
CA LEU A 391 19.66 -17.43 25.21
C LEU A 391 20.10 -16.25 26.08
N ARG A 392 21.28 -15.72 25.83
CA ARG A 392 21.72 -14.48 26.49
C ARG A 392 21.23 -13.21 25.76
N LEU A 393 20.59 -13.38 24.61
CA LEU A 393 19.92 -12.27 23.98
C LEU A 393 18.67 -11.86 24.77
N PRO A 394 18.34 -10.55 24.76
CA PRO A 394 17.03 -10.14 25.23
C PRO A 394 15.92 -10.81 24.40
N TYR A 395 14.76 -11.03 25.00
CA TYR A 395 13.72 -11.84 24.39
C TYR A 395 13.30 -11.35 23.00
N LEU A 396 13.05 -10.05 22.84
CA LEU A 396 12.81 -9.46 21.50
C LEU A 396 13.88 -9.91 20.46
N GLU A 397 15.16 -9.84 20.82
CA GLU A 397 16.24 -10.22 19.90
C GLU A 397 16.24 -11.72 19.66
N GLN A 398 15.97 -12.49 20.73
CA GLN A 398 15.80 -13.95 20.60
C GLN A 398 14.72 -14.25 19.60
N MET A 399 13.57 -13.60 19.75
CA MET A 399 12.43 -13.88 18.86
C MET A 399 12.71 -13.52 17.40
N GLN A 400 13.50 -12.47 17.19
CA GLN A 400 13.91 -12.09 15.82
C GLN A 400 14.78 -13.16 15.19
N VAL A 401 15.76 -13.62 15.95
CA VAL A 401 16.65 -14.67 15.49
C VAL A 401 15.87 -15.96 15.23
N VAL A 402 15.03 -16.35 16.19
CA VAL A 402 14.30 -17.60 16.06
C VAL A 402 13.34 -17.51 14.89
N GLU A 403 12.64 -16.38 14.74
CA GLU A 403 11.68 -16.23 13.65
C GLU A 403 12.41 -16.40 12.30
N THR A 404 13.63 -15.88 12.22
CA THR A 404 14.43 -16.06 11.00
C THR A 404 14.79 -17.52 10.77
N LEU A 405 15.22 -18.24 11.81
CA LEU A 405 15.53 -19.64 11.62
C LEU A 405 14.31 -20.51 11.23
N THR A 406 13.10 -20.08 11.59
CA THR A 406 11.89 -20.82 11.22
C THR A 406 11.47 -20.60 9.76
N ARG A 407 12.09 -19.65 9.07
CA ARG A 407 11.69 -19.34 7.69
C ARG A 407 12.09 -20.41 6.68
N TYR A 408 13.03 -21.29 7.03
CA TYR A 408 13.54 -22.27 6.07
C TYR A 408 13.68 -23.66 6.68
N GLU A 409 13.67 -24.63 5.77
CA GLU A 409 13.67 -26.04 6.12
C GLU A 409 14.98 -26.35 6.82
N TYR A 410 16.05 -25.85 6.24
CA TYR A 410 17.37 -26.22 6.72
C TYR A 410 17.66 -25.51 8.03
N THR A 411 17.22 -24.26 8.15
CA THR A 411 17.40 -23.51 9.40
C THR A 411 16.52 -24.05 10.56
N SER A 412 15.28 -24.46 10.24
CA SER A 412 14.34 -24.96 11.26
C SER A 412 14.83 -26.29 11.79
N LYS A 413 15.36 -27.10 10.88
CA LYS A 413 15.87 -28.41 11.23
C LYS A 413 17.04 -28.21 12.19
N PHE A 414 17.88 -27.24 11.86
CA PHE A 414 18.98 -26.87 12.72
C PHE A 414 18.47 -26.44 14.10
N LEU A 415 17.42 -25.63 14.12
CA LEU A 415 16.87 -25.14 15.40
C LEU A 415 16.31 -26.29 16.24
N LEU A 416 15.50 -27.16 15.64
CA LEU A 416 14.90 -28.29 16.35
C LEU A 416 15.95 -29.29 16.85
N ASN A 417 16.89 -29.70 15.98
CA ASN A 417 17.82 -30.76 16.33
C ASN A 417 19.06 -30.36 17.08
N GLU A 418 19.43 -29.08 17.02
CA GLU A 418 20.69 -28.64 17.62
C GLU A 418 20.49 -27.62 18.73
N MET A 419 19.33 -26.99 18.80
CA MET A 419 19.15 -25.93 19.78
C MET A 419 17.81 -26.08 20.51
N PRO A 420 17.56 -27.28 21.05
CA PRO A 420 16.28 -27.48 21.73
C PRO A 420 16.09 -26.50 22.85
N LYS A 421 17.18 -26.01 23.43
CA LYS A 421 17.07 -25.13 24.57
C LYS A 421 16.50 -23.79 24.10
N VAL A 422 16.79 -23.43 22.86
CA VAL A 422 16.22 -22.24 22.26
C VAL A 422 14.74 -22.48 21.99
N MET A 423 14.41 -23.61 21.39
CA MET A 423 13.00 -24.00 21.26
C MET A 423 12.28 -23.90 22.62
N GLY A 424 12.97 -24.23 23.69
CA GLY A 424 12.39 -24.17 25.02
C GLY A 424 12.11 -22.74 25.46
N SER A 425 12.94 -21.81 24.99
CA SER A 425 12.73 -20.39 25.34
C SER A 425 11.56 -19.81 24.52
N LEU A 426 11.45 -20.24 23.28
CA LEU A 426 10.31 -19.89 22.42
C LEU A 426 8.97 -20.28 23.06
N ILE A 427 8.88 -21.53 23.51
CA ILE A 427 7.69 -22.03 24.18
C ILE A 427 7.48 -21.22 25.44
N GLY A 428 8.55 -21.04 26.19
CA GLY A 428 8.53 -20.09 27.28
C GLY A 428 7.99 -20.64 28.60
N ASP A 429 7.83 -19.74 29.56
CA ASP A 429 7.57 -20.13 30.94
C ASP A 429 6.12 -19.87 31.39
N GLY A 430 5.26 -19.51 30.43
CA GLY A 430 3.86 -19.25 30.73
C GLY A 430 3.48 -17.77 30.76
N SER A 431 4.45 -16.86 30.68
CA SER A 431 4.18 -15.42 30.84
C SER A 431 3.96 -14.66 29.51
N ALA A 432 3.94 -15.41 28.39
CA ALA A 432 3.90 -14.80 27.05
C ALA A 432 2.64 -13.97 26.77
N GLY A 433 1.55 -14.25 27.48
CA GLY A 433 0.32 -13.49 27.34
C GLY A 433 0.43 -12.11 27.96
N ALA A 434 1.45 -11.92 28.80
CA ALA A 434 1.72 -10.62 29.39
C ALA A 434 2.47 -9.70 28.42
N ILE A 435 3.01 -10.25 27.33
CA ILE A 435 3.84 -9.45 26.43
C ILE A 435 3.01 -8.37 25.69
N ILE A 436 3.41 -7.10 25.83
CA ILE A 436 2.74 -6.05 25.07
C ILE A 436 3.63 -5.46 23.99
N ASP A 437 4.93 -5.77 24.04
CA ASP A 437 5.88 -5.21 23.07
C ASP A 437 5.50 -5.67 21.67
N LEU A 438 5.31 -4.69 20.79
CA LEU A 438 4.78 -4.92 19.44
C LEU A 438 5.59 -5.95 18.65
N GLU A 439 6.90 -5.74 18.61
CA GLU A 439 7.77 -6.57 17.79
C GLU A 439 7.89 -7.99 18.36
N THR A 440 8.10 -8.08 19.67
CA THR A 440 8.25 -9.38 20.31
C THR A 440 7.07 -10.27 19.96
N VAL A 441 5.86 -9.75 20.16
CA VAL A 441 4.67 -10.56 19.86
C VAL A 441 4.62 -10.91 18.40
N HIS A 442 4.97 -9.96 17.53
CA HIS A 442 4.94 -10.20 16.09
C HIS A 442 5.91 -11.32 15.67
N TYR A 443 7.16 -11.24 16.13
CA TYR A 443 8.14 -12.26 15.76
C TYR A 443 7.89 -13.63 16.45
N ARG A 444 7.47 -13.62 17.71
CA ARG A 444 7.14 -14.86 18.40
C ARG A 444 6.01 -15.60 17.69
N ASN A 445 4.92 -14.89 17.42
CA ASN A 445 3.79 -15.49 16.73
C ASN A 445 4.15 -15.95 15.34
N SER A 446 5.00 -15.19 14.63
CA SER A 446 5.43 -15.62 13.29
C SER A 446 6.26 -16.90 13.38
N ALA A 447 7.13 -16.97 14.38
CA ALA A 447 7.98 -18.14 14.59
C ALA A 447 7.11 -19.36 14.86
N LEU A 448 6.18 -19.20 15.80
CA LEU A 448 5.25 -20.27 16.15
C LEU A 448 4.51 -20.75 14.91
N ARG A 449 4.02 -19.80 14.12
CA ARG A 449 3.19 -20.14 12.99
C ARG A 449 4.04 -20.85 11.97
N ASN A 450 5.21 -20.28 11.65
CA ASN A 450 6.13 -20.90 10.69
C ASN A 450 6.51 -22.33 11.00
N LEU A 451 6.74 -22.65 12.27
CA LEU A 451 7.07 -24.02 12.64
C LEU A 451 5.83 -24.90 12.50
N LEU A 452 4.67 -24.40 12.93
CA LEU A 452 3.47 -25.22 12.82
C LEU A 452 3.19 -25.59 11.35
N ASP A 453 3.43 -24.66 10.43
CA ASP A 453 3.24 -24.95 9.00
C ASP A 453 4.11 -26.10 8.52
N LYS A 454 5.20 -26.40 9.21
CA LYS A 454 6.04 -27.52 8.77
C LYS A 454 5.31 -28.86 8.90
N GLY A 455 4.25 -28.88 9.69
CA GLY A 455 3.50 -30.09 9.90
C GLY A 455 3.99 -30.91 11.09
N GLU A 456 3.05 -31.56 11.76
CA GLU A 456 3.32 -32.35 12.98
C GLU A 456 4.42 -33.41 12.81
N GLU A 457 4.60 -33.90 11.59
CA GLU A 457 5.56 -34.96 11.30
C GLU A 457 7.03 -34.49 11.38
N LYS A 458 7.27 -33.21 11.15
CA LYS A 458 8.63 -32.67 11.21
C LYS A 458 8.92 -31.94 12.51
N LEU A 459 7.95 -31.89 13.42
CA LEU A 459 8.07 -31.16 14.68
C LEU A 459 8.23 -32.06 15.90
N SER A 460 7.79 -33.30 15.76
CA SER A 460 8.04 -34.30 16.78
C SER A 460 7.40 -33.82 18.09
N VAL A 461 8.14 -33.92 19.19
CA VAL A 461 7.61 -33.55 20.48
C VAL A 461 7.33 -32.05 20.64
N TRP A 462 7.72 -31.24 19.64
CA TRP A 462 7.49 -29.80 19.71
C TRP A 462 6.09 -29.42 19.21
N TYR A 463 5.47 -30.28 18.41
CA TYR A 463 4.14 -29.99 17.86
C TYR A 463 3.10 -29.56 18.90
N GLU A 464 2.94 -30.35 19.95
CA GLU A 464 1.88 -30.08 20.92
C GLU A 464 2.10 -28.76 21.67
N PRO A 465 3.32 -28.55 22.17
CA PRO A 465 3.63 -27.29 22.87
C PRO A 465 3.54 -26.08 21.95
N LEU A 466 3.92 -26.23 20.69
CA LEU A 466 3.85 -25.12 19.73
C LEU A 466 2.38 -24.76 19.53
N LEU A 467 1.57 -25.78 19.32
CA LEU A 467 0.14 -25.61 19.06
C LEU A 467 -0.51 -24.95 20.27
N ARG A 468 -0.11 -25.38 21.46
CA ARG A 468 -0.66 -24.82 22.67
C ARG A 468 -0.34 -23.34 22.78
N GLU A 469 0.94 -22.99 22.67
CA GLU A 469 1.35 -21.59 22.77
C GLU A 469 0.75 -20.72 21.66
N TYR A 470 0.67 -21.24 20.44
CA TYR A 470 0.08 -20.47 19.35
C TYR A 470 -1.38 -20.12 19.68
N SER A 471 -2.13 -21.14 20.08
CA SER A 471 -3.54 -20.97 20.44
C SER A 471 -3.63 -19.92 21.53
N LYS A 472 -2.90 -20.10 22.62
CA LYS A 472 -2.91 -19.10 23.68
C LYS A 472 -2.66 -17.72 23.09
N ALA A 473 -1.66 -17.59 22.22
CA ALA A 473 -1.21 -16.24 21.83
C ALA A 473 -2.28 -15.50 21.02
N VAL A 474 -2.97 -16.22 20.12
CA VAL A 474 -3.87 -15.59 19.17
C VAL A 474 -5.36 -15.65 19.58
N ASN A 475 -5.70 -16.52 20.53
CA ASN A 475 -7.06 -16.58 21.10
C ASN A 475 -7.11 -15.99 22.51
N GLY A 476 -5.95 -15.60 23.05
CA GLY A 476 -5.90 -14.96 24.34
C GLY A 476 -5.07 -13.69 24.31
N ASN B 41 9.35 31.50 -2.61
CA ASN B 41 10.75 31.32 -3.01
C ASN B 41 10.97 30.06 -3.82
N THR B 42 11.64 30.22 -4.94
CA THR B 42 12.07 29.07 -5.71
C THR B 42 13.23 28.42 -4.96
N LEU B 43 13.88 29.20 -4.09
CA LEU B 43 14.89 28.66 -3.20
C LEU B 43 14.30 27.57 -2.30
N LEU B 44 13.07 27.79 -1.85
CA LEU B 44 12.40 26.86 -0.95
C LEU B 44 12.11 25.53 -1.64
N ARG B 45 11.75 25.59 -2.92
CA ARG B 45 11.54 24.38 -3.70
C ARG B 45 12.89 23.69 -3.94
N LYS B 46 13.93 24.48 -4.18
CA LYS B 46 15.25 23.93 -4.42
C LYS B 46 15.73 23.19 -3.16
N CYS B 47 15.61 23.84 -2.01
CA CYS B 47 15.98 23.22 -0.74
C CYS B 47 15.24 21.89 -0.54
N SER B 48 13.94 21.88 -0.79
CA SER B 48 13.14 20.68 -0.56
C SER B 48 13.58 19.52 -1.44
N LEU B 49 13.77 19.80 -2.74
CA LEU B 49 14.20 18.78 -3.68
C LEU B 49 15.57 18.25 -3.27
N ASN B 50 16.50 19.16 -2.99
CA ASN B 50 17.85 18.78 -2.58
C ASN B 50 17.87 18.00 -1.27
N LEU B 51 16.82 18.10 -0.48
CA LEU B 51 16.72 17.33 0.76
C LEU B 51 16.02 15.98 0.58
N VAL B 52 14.99 15.91 -0.27
CA VAL B 52 14.30 14.63 -0.51
C VAL B 52 15.21 13.63 -1.20
N THR B 53 15.96 14.11 -2.19
CA THR B 53 16.78 13.21 -2.98
C THR B 53 18.02 12.79 -2.17
N VAL B 54 18.73 13.75 -1.60
CA VAL B 54 19.88 13.40 -0.79
C VAL B 54 19.40 12.95 0.59
N ASP B 61 25.43 21.55 11.11
CA ASP B 61 24.76 22.21 12.23
C ASP B 61 23.47 22.93 11.80
N VAL B 62 22.33 22.32 12.07
CA VAL B 62 21.06 22.81 11.53
C VAL B 62 20.41 23.82 12.46
N LYS B 63 20.93 23.98 13.67
CA LYS B 63 20.26 24.79 14.69
C LYS B 63 19.97 26.24 14.28
N PRO B 64 20.90 26.89 13.53
CA PRO B 64 20.61 28.27 13.14
C PRO B 64 19.40 28.36 12.20
N LEU B 65 19.41 27.55 11.15
CA LEU B 65 18.31 27.54 10.19
C LEU B 65 16.99 27.18 10.88
N LEU B 66 17.00 26.14 11.71
CA LEU B 66 15.79 25.71 12.41
C LEU B 66 15.32 26.84 13.33
N ALA B 67 16.26 27.38 14.10
CA ALA B 67 15.94 28.47 15.01
C ALA B 67 15.36 29.64 14.22
N THR B 68 15.88 29.85 13.01
CA THR B 68 15.45 30.98 12.20
C THR B 68 14.04 30.77 11.66
N ILE B 69 13.72 29.53 11.29
CA ILE B 69 12.37 29.23 10.80
C ILE B 69 11.37 29.33 11.95
N LYS B 70 11.79 28.85 13.11
CA LYS B 70 10.96 28.91 14.31
C LYS B 70 10.58 30.35 14.57
N ARG B 71 11.58 31.24 14.51
CA ARG B 71 11.41 32.68 14.73
C ARG B 71 10.39 33.28 13.78
N PHE B 72 10.55 32.95 12.51
CA PHE B 72 9.67 33.42 11.45
C PHE B 72 8.24 32.91 11.61
N LEU B 73 8.09 31.72 12.18
CA LEU B 73 6.76 31.10 12.28
C LEU B 73 5.97 31.65 13.45
N THR B 74 6.67 32.08 14.49
CA THR B 74 6.03 32.66 15.66
C THR B 74 5.62 34.12 15.42
N SER B 75 6.04 34.70 14.30
CA SER B 75 5.68 36.08 13.96
C SER B 75 6.58 36.62 12.86
N ASN B 83 5.14 32.45 1.18
CA ASN B 83 4.48 31.15 1.09
C ASN B 83 4.93 30.21 2.22
N TYR B 84 3.96 29.65 2.94
CA TYR B 84 4.26 28.87 4.13
C TYR B 84 4.34 27.37 3.87
N ASP B 85 3.56 26.89 2.92
CA ASP B 85 3.61 25.50 2.52
C ASP B 85 5.02 25.06 2.20
N TYR B 86 5.83 26.00 1.70
CA TYR B 86 7.17 25.68 1.21
C TYR B 86 8.18 25.74 2.34
N LEU B 87 7.98 26.69 3.25
CA LEU B 87 8.78 26.75 4.44
C LEU B 87 8.60 25.44 5.24
N LEU B 88 7.34 25.03 5.41
CA LEU B 88 7.02 23.85 6.20
C LEU B 88 7.56 22.56 5.56
N ASP B 89 7.57 22.51 4.25
CA ASP B 89 8.13 21.35 3.57
C ASP B 89 9.61 21.21 3.90
N VAL B 90 10.33 22.33 4.03
CA VAL B 90 11.74 22.28 4.40
C VAL B 90 11.92 21.75 5.82
N VAL B 91 11.06 22.17 6.74
CA VAL B 91 11.09 21.67 8.11
C VAL B 91 10.82 20.18 8.07
N ASP B 92 9.84 19.79 7.28
CA ASP B 92 9.41 18.39 7.15
C ASP B 92 10.54 17.49 6.65
N LYS B 93 11.31 17.96 5.67
CA LYS B 93 12.37 17.15 5.08
C LYS B 93 13.65 17.27 5.90
N LEU B 94 13.73 18.31 6.72
CA LEU B 94 14.97 18.63 7.42
C LEU B 94 15.07 18.01 8.81
N VAL B 95 13.98 18.03 9.57
CA VAL B 95 14.00 17.59 10.96
C VAL B 95 14.45 16.14 11.10
N PRO B 96 13.92 15.23 10.26
CA PRO B 96 14.23 13.80 10.32
C PRO B 96 15.70 13.49 10.14
N MET B 97 16.43 14.39 9.49
CA MET B 97 17.83 14.15 9.17
C MET B 97 18.77 14.79 10.18
N ALA B 98 18.28 15.79 10.89
CA ALA B 98 19.09 16.40 11.93
C ALA B 98 19.28 15.40 13.07
N ASP B 99 20.00 15.81 14.12
CA ASP B 99 20.10 15.02 15.33
C ASP B 99 19.07 15.54 16.31
N PHE B 100 18.17 14.67 16.74
CA PHE B 100 17.02 15.16 17.48
C PHE B 100 17.41 15.99 18.69
N ASP B 101 18.56 15.71 19.30
CA ASP B 101 19.05 16.55 20.40
C ASP B 101 19.32 17.99 19.95
N ASP B 102 19.69 18.16 18.68
CA ASP B 102 19.85 19.50 18.09
C ASP B 102 18.46 20.17 17.93
N VAL B 103 17.51 19.42 17.38
CA VAL B 103 16.14 19.90 17.24
C VAL B 103 15.57 20.33 18.60
N LEU B 104 15.85 19.53 19.62
CA LEU B 104 15.29 19.75 20.95
C LEU B 104 15.90 20.98 21.64
N GLU B 105 17.12 21.35 21.25
CA GLU B 105 17.71 22.61 21.69
C GLU B 105 16.86 23.78 21.20
N VAL B 106 16.36 23.67 19.96
CA VAL B 106 15.60 24.75 19.34
C VAL B 106 14.11 24.68 19.70
N TYR B 107 13.55 23.47 19.68
CA TYR B 107 12.19 23.24 20.16
C TYR B 107 12.20 22.39 21.43
N SER B 108 12.13 23.02 22.59
CA SER B 108 12.00 22.29 23.85
C SER B 108 10.55 21.81 24.04
N ALA B 109 10.37 20.89 24.98
CA ALA B 109 9.06 20.36 25.31
C ALA B 109 8.08 21.49 25.58
N GLU B 110 8.55 22.56 26.23
CA GLU B 110 7.69 23.68 26.61
C GLU B 110 7.39 24.62 25.42
N ASP B 111 8.33 24.70 24.48
CA ASP B 111 8.12 25.45 23.23
C ASP B 111 7.02 24.79 22.42
N LEU B 112 7.08 23.45 22.38
CA LEU B 112 6.11 22.63 21.65
C LEU B 112 4.70 22.82 22.20
N VAL B 113 4.57 22.78 23.53
CA VAL B 113 3.30 23.08 24.20
C VAL B 113 2.74 24.44 23.81
N LYS B 114 3.56 25.48 23.86
CA LYS B 114 3.13 26.84 23.50
C LYS B 114 2.73 26.93 22.03
N ALA B 115 3.54 26.31 21.18
CA ALA B 115 3.29 26.32 19.75
C ALA B 115 1.95 25.64 19.42
N LEU B 116 1.66 24.53 20.09
CA LEU B 116 0.40 23.81 19.86
C LEU B 116 -0.81 24.55 20.45
N ARG B 117 -0.62 25.22 21.59
CA ARG B 117 -1.69 26.03 22.20
C ARG B 117 -1.83 27.41 21.51
N SER B 118 -0.85 27.78 20.69
CA SER B 118 -0.89 29.01 19.90
C SER B 118 -2.09 29.06 18.96
N GLU B 119 -2.15 30.11 18.16
CA GLU B 119 -3.22 30.26 17.18
C GLU B 119 -2.62 30.35 15.78
N ILE B 120 -1.34 30.00 15.66
CA ILE B 120 -0.64 30.00 14.37
C ILE B 120 -0.55 28.57 13.85
N ASP B 121 -1.35 28.23 12.84
CA ASP B 121 -1.38 26.86 12.33
C ASP B 121 -0.02 26.33 11.80
N PRO B 122 0.69 27.11 10.97
CA PRO B 122 1.99 26.67 10.47
C PRO B 122 2.98 26.34 11.58
N LEU B 123 2.86 27.04 12.71
CA LEU B 123 3.68 26.78 13.86
C LEU B 123 3.28 25.42 14.47
N LYS B 124 1.98 25.13 14.47
CA LYS B 124 1.49 23.86 14.96
C LYS B 124 2.00 22.72 14.08
N VAL B 125 1.94 22.92 12.76
CA VAL B 125 2.39 21.88 11.83
C VAL B 125 3.87 21.59 12.08
N ALA B 126 4.65 22.63 12.23
CA ALA B 126 6.07 22.51 12.55
C ALA B 126 6.26 21.68 13.80
N ALA B 127 5.59 22.09 14.87
CA ALA B 127 5.61 21.33 16.12
C ALA B 127 5.22 19.86 15.89
N CYS B 128 4.27 19.60 14.99
CA CYS B 128 3.91 18.22 14.72
C CYS B 128 5.09 17.44 14.17
N ARG B 129 5.81 18.05 13.23
CA ARG B 129 6.96 17.41 12.61
C ARG B 129 8.03 17.10 13.64
N VAL B 130 8.26 18.02 14.58
CA VAL B 130 9.27 17.79 15.59
C VAL B 130 8.84 16.61 16.46
N ILE B 131 7.62 16.66 16.98
CA ILE B 131 7.09 15.58 17.81
C ILE B 131 7.16 14.24 17.07
N GLU B 132 6.77 14.22 15.79
CA GLU B 132 6.78 12.98 15.01
C GLU B 132 8.17 12.30 14.96
N ASN B 133 9.24 13.08 14.99
CA ASN B 133 10.57 12.49 14.87
C ASN B 133 11.28 12.38 16.22
N SER B 134 10.49 12.40 17.29
CA SER B 134 10.98 12.19 18.64
C SER B 134 11.97 11.03 18.73
N GLN B 135 13.10 11.28 19.38
CA GLN B 135 14.05 10.22 19.71
C GLN B 135 14.43 10.35 21.18
N PRO B 136 14.17 9.29 21.96
CA PRO B 136 13.44 8.11 21.52
C PRO B 136 11.92 8.38 21.40
N LYS B 137 11.21 7.56 20.64
CA LYS B 137 9.76 7.76 20.44
C LYS B 137 8.99 8.09 21.74
N GLY B 138 9.40 7.54 22.86
CA GLY B 138 8.74 7.81 24.14
C GLY B 138 9.11 9.11 24.81
N LEU B 139 9.97 9.91 24.19
CA LEU B 139 10.47 11.12 24.84
C LEU B 139 9.36 11.95 25.48
N PHE B 140 8.34 12.32 24.70
CA PHE B 140 7.34 13.29 25.16
C PHE B 140 6.15 12.64 25.87
N ALA B 141 6.24 11.32 26.09
CA ALA B 141 5.13 10.56 26.65
C ALA B 141 4.85 10.89 28.12
N THR B 142 5.70 11.71 28.71
CA THR B 142 5.57 12.06 30.12
C THR B 142 4.83 13.37 30.32
N SER B 143 4.69 14.13 29.24
CA SER B 143 4.13 15.47 29.31
C SER B 143 2.66 15.44 28.92
N ASN B 144 2.05 16.60 28.76
CA ASN B 144 0.70 16.66 28.23
C ASN B 144 0.67 16.93 26.71
N ILE B 145 1.82 16.85 26.05
CA ILE B 145 1.90 17.12 24.63
C ILE B 145 0.93 16.24 23.85
N ILE B 146 0.92 14.93 24.10
CA ILE B 146 0.00 14.01 23.39
C ILE B 146 -1.44 14.49 23.58
N ASP B 147 -1.76 14.82 24.83
CA ASP B 147 -3.07 15.34 25.20
C ASP B 147 -3.45 16.52 24.31
N ILE B 148 -2.54 17.46 24.15
CA ILE B 148 -2.86 18.65 23.38
C ILE B 148 -3.07 18.29 21.92
N LEU B 149 -2.33 17.31 21.41
CA LEU B 149 -2.53 16.90 20.02
C LEU B 149 -3.93 16.32 19.86
N LEU B 150 -4.39 15.55 20.84
CA LEU B 150 -5.73 14.98 20.77
C LEU B 150 -6.76 16.09 20.85
N ASP B 151 -6.53 17.11 21.69
CA ASP B 151 -7.47 18.24 21.80
C ASP B 151 -7.69 18.95 20.44
N ILE B 152 -6.60 19.11 19.67
CA ILE B 152 -6.68 19.67 18.32
C ILE B 152 -7.35 18.70 17.34
N LEU B 153 -6.93 17.45 17.36
CA LEU B 153 -7.43 16.44 16.43
C LEU B 153 -8.93 16.26 16.49
N PHE B 154 -9.49 16.21 17.68
CA PHE B 154 -10.93 16.03 17.81
C PHE B 154 -11.68 17.35 18.02
N ASP B 155 -11.05 18.45 17.65
CA ASP B 155 -11.72 19.76 17.62
C ASP B 155 -12.38 19.98 16.28
N GLU B 156 -13.71 19.93 16.21
CA GLU B 156 -14.40 20.08 14.91
C GLU B 156 -14.33 21.49 14.31
N LYS B 157 -13.94 22.50 15.10
CA LYS B 157 -13.75 23.85 14.55
C LYS B 157 -12.50 23.90 13.69
N VAL B 158 -11.55 23.01 13.99
CA VAL B 158 -10.30 22.94 13.25
C VAL B 158 -10.55 22.39 11.86
N GLU B 159 -10.32 23.22 10.84
CA GLU B 159 -10.60 22.82 9.46
C GLU B 159 -9.35 22.66 8.60
N ASN B 160 -8.18 22.92 9.19
CA ASN B 160 -6.93 22.77 8.45
C ASN B 160 -6.57 21.29 8.28
N ASP B 161 -6.73 20.79 7.06
CA ASP B 161 -6.49 19.39 6.75
C ASP B 161 -5.02 19.03 6.88
N LYS B 162 -4.14 19.99 6.63
CA LYS B 162 -2.72 19.71 6.72
C LYS B 162 -2.33 19.52 8.19
N LEU B 163 -2.94 20.33 9.06
CA LEU B 163 -2.74 20.19 10.51
C LEU B 163 -3.25 18.84 11.01
N ILE B 164 -4.49 18.50 10.67
CA ILE B 164 -5.07 17.20 11.01
C ILE B 164 -4.16 16.05 10.55
N THR B 165 -3.70 16.11 9.31
CA THR B 165 -2.86 15.06 8.75
C THR B 165 -1.47 14.99 9.44
N ALA B 166 -0.92 16.14 9.78
CA ALA B 166 0.35 16.17 10.52
C ALA B 166 0.21 15.49 11.88
N ILE B 167 -0.89 15.76 12.58
CA ILE B 167 -1.14 15.14 13.87
C ILE B 167 -1.34 13.63 13.74
N GLU B 168 -2.19 13.21 12.82
CA GLU B 168 -2.41 11.80 12.61
C GLU B 168 -1.11 11.06 12.32
N LYS B 169 -0.22 11.69 11.56
CA LYS B 169 1.08 11.07 11.24
C LYS B 169 2.05 11.06 12.41
N ALA B 170 2.07 12.15 13.18
CA ALA B 170 2.88 12.15 14.37
C ALA B 170 2.44 10.97 15.23
N LEU B 171 1.13 10.81 15.45
CA LEU B 171 0.62 9.77 16.34
C LEU B 171 0.86 8.35 15.83
N GLU B 172 0.67 8.14 14.54
CA GLU B 172 0.89 6.82 13.95
C GLU B 172 2.35 6.36 14.10
N ARG B 173 3.29 7.25 13.80
CA ARG B 173 4.72 6.97 13.94
C ARG B 173 5.10 6.60 15.36
N LEU B 174 4.67 7.44 16.29
CA LEU B 174 5.07 7.27 17.67
C LEU B 174 4.37 6.10 18.39
N SER B 175 3.31 5.57 17.79
CA SER B 175 2.43 4.66 18.51
C SER B 175 2.97 3.25 18.57
N THR B 176 4.07 3.00 17.87
CA THR B 176 4.80 1.74 18.02
C THR B 176 5.39 1.64 19.41
N ASP B 177 5.57 2.79 20.04
CA ASP B 177 6.15 2.83 21.36
C ASP B 177 5.06 2.60 22.42
N GLU B 178 5.37 1.74 23.40
CA GLU B 178 4.43 1.36 24.46
C GLU B 178 4.06 2.53 25.36
N LEU B 179 5.03 3.40 25.65
CA LEU B 179 4.76 4.53 26.55
C LEU B 179 3.83 5.55 25.89
N ILE B 180 3.93 5.67 24.57
CA ILE B 180 3.05 6.58 23.88
C ILE B 180 1.64 6.01 23.91
N ARG B 181 1.50 4.70 23.73
CA ARG B 181 0.18 4.09 23.77
C ARG B 181 -0.47 4.22 25.15
N ARG B 182 0.34 4.16 26.20
CA ARG B 182 -0.16 4.37 27.56
C ARG B 182 -0.63 5.79 27.80
N ARG B 183 0.11 6.79 27.33
CA ARG B 183 -0.37 8.17 27.40
C ARG B 183 -1.69 8.35 26.59
N LEU B 184 -1.77 7.74 25.42
CA LEU B 184 -3.00 7.73 24.62
C LEU B 184 -4.19 7.04 25.31
N PHE B 185 -4.05 5.76 25.64
CA PHE B 185 -5.19 4.96 26.05
C PHE B 185 -5.42 4.81 27.56
N ASP B 186 -4.53 5.36 28.38
CA ASP B 186 -4.76 5.45 29.82
C ASP B 186 -4.96 6.91 30.22
N ASN B 187 -3.94 7.73 29.99
CA ASN B 187 -4.01 9.13 30.37
C ASN B 187 -5.09 9.93 29.67
N ASN B 188 -5.52 9.49 28.50
CA ASN B 188 -6.49 10.24 27.76
C ASN B 188 -7.74 9.43 27.50
N LEU B 189 -7.85 8.29 28.18
CA LEU B 189 -9.02 7.45 28.05
C LEU B 189 -10.34 8.24 28.19
N PRO B 190 -10.44 9.09 29.21
CA PRO B 190 -11.73 9.77 29.36
C PRO B 190 -12.05 10.76 28.24
N TYR B 191 -11.03 11.45 27.73
CA TYR B 191 -11.23 12.30 26.56
C TYR B 191 -11.68 11.47 25.33
N LEU B 192 -10.96 10.40 25.01
CA LEU B 192 -11.33 9.51 23.91
C LEU B 192 -12.77 9.02 24.06
N VAL B 193 -13.10 8.54 25.26
CA VAL B 193 -14.43 8.02 25.52
C VAL B 193 -15.51 9.10 25.36
N SER B 194 -15.15 10.31 25.74
CA SER B 194 -16.05 11.44 25.63
C SER B 194 -16.31 11.82 24.18
N VAL B 195 -15.26 11.86 23.37
CA VAL B 195 -15.39 12.13 21.94
C VAL B 195 -16.19 11.01 21.27
N LYS B 196 -15.91 9.77 21.65
CA LYS B 196 -16.67 8.60 21.18
C LYS B 196 -18.16 8.72 21.49
N GLY B 197 -18.47 9.14 22.73
CA GLY B 197 -19.85 9.30 23.13
C GLY B 197 -20.56 10.46 22.45
N ARG B 198 -19.83 11.49 22.05
CA ARG B 198 -20.44 12.65 21.41
C ARG B 198 -21.03 12.28 20.07
N MET B 199 -20.33 11.44 19.34
CA MET B 199 -20.73 11.06 18.00
C MET B 199 -21.09 12.32 17.17
N GLU B 200 -20.23 13.34 17.26
CA GLU B 200 -20.32 14.51 16.38
C GLU B 200 -19.58 14.16 15.10
N THR B 201 -20.24 14.38 13.96
CA THR B 201 -19.81 13.86 12.67
C THR B 201 -18.34 14.03 12.35
N VAL B 202 -17.85 15.26 12.44
CA VAL B 202 -16.50 15.58 11.98
C VAL B 202 -15.43 14.96 12.89
N SER B 203 -15.54 15.19 14.18
CA SER B 203 -14.58 14.61 15.09
C SER B 203 -14.74 13.08 15.17
N PHE B 204 -15.93 12.59 14.87
CA PHE B 204 -16.20 11.18 15.10
C PHE B 204 -15.53 10.39 13.98
N VAL B 205 -15.56 10.95 12.79
CA VAL B 205 -14.91 10.32 11.67
C VAL B 205 -13.41 10.32 11.88
N ARG B 206 -12.89 11.40 12.45
CA ARG B 206 -11.48 11.42 12.84
C ARG B 206 -11.16 10.36 13.89
N LEU B 207 -12.05 10.17 14.86
CA LEU B 207 -11.84 9.18 15.93
C LEU B 207 -11.77 7.76 15.37
N ILE B 208 -12.69 7.45 14.48
CA ILE B 208 -12.68 6.16 13.81
C ILE B 208 -11.36 5.95 13.04
N ASP B 209 -10.89 6.99 12.35
CA ASP B 209 -9.65 6.85 11.60
C ASP B 209 -8.50 6.52 12.54
N PHE B 210 -8.45 7.28 13.63
CA PHE B 210 -7.45 7.09 14.69
C PHE B 210 -7.53 5.71 15.33
N LEU B 211 -8.73 5.20 15.61
CA LEU B 211 -8.85 3.87 16.24
C LEU B 211 -8.44 2.75 15.27
N THR B 212 -8.74 2.93 14.00
CA THR B 212 -8.29 1.98 12.97
C THR B 212 -6.76 1.93 12.87
N ILE B 213 -6.11 3.07 12.90
CA ILE B 213 -4.65 3.09 12.91
C ILE B 213 -4.13 2.46 14.21
N GLU B 214 -4.74 2.83 15.35
CA GLU B 214 -4.17 2.45 16.64
C GLU B 214 -4.32 0.98 16.90
N PHE B 215 -5.37 0.36 16.40
CA PHE B 215 -5.58 -1.05 16.72
C PHE B 215 -4.46 -1.94 16.16
N GLN B 216 -3.74 -1.42 15.18
CA GLN B 216 -2.59 -2.10 14.58
C GLN B 216 -1.51 -2.38 15.57
N PHE B 217 -1.40 -1.53 16.60
CA PHE B 217 -0.30 -1.58 17.52
C PHE B 217 -0.70 -2.09 18.91
N ILE B 218 -1.96 -2.44 19.08
CA ILE B 218 -2.50 -2.72 20.40
C ILE B 218 -2.44 -4.23 20.69
N SER B 219 -1.80 -4.59 21.81
CA SER B 219 -1.72 -5.99 22.22
C SER B 219 -2.95 -6.35 23.05
N GLY B 220 -3.22 -7.65 23.22
CA GLY B 220 -4.29 -8.13 24.07
C GLY B 220 -4.46 -7.45 25.42
N PRO B 221 -3.38 -7.41 26.22
CA PRO B 221 -3.38 -6.76 27.55
C PRO B 221 -3.74 -5.28 27.53
N GLU B 222 -3.51 -4.57 26.43
CA GLU B 222 -3.81 -3.12 26.38
C GLU B 222 -5.22 -2.83 25.86
N PHE B 223 -5.84 -3.80 25.22
CA PHE B 223 -7.12 -3.61 24.54
C PHE B 223 -8.22 -3.20 25.50
N LYS B 224 -8.85 -2.05 25.25
CA LYS B 224 -9.97 -1.57 26.06
C LYS B 224 -11.29 -1.45 25.26
N ASP B 225 -12.25 -2.28 25.67
CA ASP B 225 -13.63 -2.31 25.17
C ASP B 225 -14.23 -0.95 24.99
N ILE B 226 -14.16 -0.16 26.06
CA ILE B 226 -14.86 1.13 26.18
C ILE B 226 -14.39 2.12 25.11
N ILE B 227 -13.24 1.86 24.51
CA ILE B 227 -12.76 2.75 23.48
C ILE B 227 -12.80 2.14 22.07
N PHE B 228 -12.62 0.83 21.94
CA PHE B 228 -12.51 0.21 20.60
C PHE B 228 -13.84 -0.41 20.14
N CYS B 229 -14.78 -0.58 21.06
CA CYS B 229 -16.02 -1.30 20.79
C CYS B 229 -17.24 -0.43 21.07
N PHE B 230 -18.28 -0.67 20.28
CA PHE B 230 -19.51 0.08 20.36
C PHE B 230 -20.60 -0.88 20.76
N THR B 231 -21.49 -0.41 21.62
CA THR B 231 -22.57 -1.24 22.12
C THR B 231 -23.71 -1.19 21.12
N LYS B 232 -24.68 -2.08 21.30
CA LYS B 232 -25.89 -2.03 20.49
C LYS B 232 -26.53 -0.64 20.48
N GLU B 233 -26.58 0.03 21.62
CA GLU B 233 -27.28 1.32 21.65
C GLU B 233 -26.53 2.43 20.90
N GLU B 234 -25.21 2.42 20.92
CA GLU B 234 -24.43 3.36 20.09
C GLU B 234 -24.64 3.10 18.59
N ILE B 235 -24.76 1.84 18.19
CA ILE B 235 -24.98 1.52 16.77
C ILE B 235 -26.37 2.01 16.35
N LEU B 236 -27.39 1.74 17.18
CA LEU B 236 -28.72 2.23 16.89
C LEU B 236 -28.74 3.74 16.81
N LYS B 237 -28.02 4.40 17.72
CA LYS B 237 -27.94 5.86 17.68
C LYS B 237 -27.25 6.36 16.40
N SER B 238 -26.19 5.68 15.96
CA SER B 238 -25.46 6.10 14.78
C SER B 238 -26.36 6.10 13.52
N VAL B 239 -27.38 5.25 13.46
CA VAL B 239 -28.23 5.21 12.26
C VAL B 239 -28.93 6.56 12.00
N GLU B 240 -29.06 7.40 13.02
CA GLU B 240 -29.73 8.70 12.89
C GLU B 240 -29.02 9.65 11.90
N ASP B 241 -27.71 9.47 11.78
CA ASP B 241 -26.92 10.19 10.77
C ASP B 241 -26.19 9.14 9.94
N ILE B 242 -26.73 8.84 8.76
CA ILE B 242 -26.29 7.68 8.02
C ILE B 242 -24.80 7.68 7.65
N LEU B 243 -24.18 8.85 7.58
CA LEU B 243 -22.76 8.92 7.27
C LEU B 243 -21.94 8.33 8.42
N VAL B 244 -22.38 8.60 9.65
CA VAL B 244 -21.70 8.06 10.82
C VAL B 244 -21.84 6.54 10.84
N PHE B 245 -23.05 6.06 10.54
CA PHE B 245 -23.36 4.64 10.52
C PHE B 245 -22.47 3.91 9.53
N ILE B 246 -22.36 4.46 8.32
CA ILE B 246 -21.51 3.90 7.30
C ILE B 246 -20.05 3.84 7.78
N GLU B 247 -19.58 4.92 8.38
CA GLU B 247 -18.24 4.98 8.93
C GLU B 247 -18.03 3.85 9.95
N LEU B 248 -19.03 3.62 10.79
CA LEU B 248 -19.02 2.53 11.77
C LEU B 248 -19.05 1.13 11.13
N VAL B 249 -19.84 0.96 10.07
CA VAL B 249 -19.85 -0.30 9.35
C VAL B 249 -18.44 -0.61 8.82
N ASN B 250 -17.83 0.38 8.18
CA ASN B 250 -16.51 0.23 7.58
C ASN B 250 -15.45 0.04 8.65
N TYR B 251 -15.65 0.68 9.80
CA TYR B 251 -14.75 0.49 10.91
C TYR B 251 -14.74 -0.97 11.31
N TYR B 252 -15.92 -1.56 11.48
CA TYR B 252 -16.00 -2.96 11.87
C TYR B 252 -15.52 -3.95 10.79
N THR B 253 -15.81 -3.66 9.53
CA THR B 253 -15.25 -4.47 8.46
C THR B 253 -13.72 -4.47 8.54
N LYS B 254 -13.10 -3.31 8.75
CA LYS B 254 -11.63 -3.25 8.80
C LYS B 254 -11.09 -3.92 10.07
N PHE B 255 -11.88 -3.80 11.13
CA PHE B 255 -11.53 -4.37 12.41
C PHE B 255 -11.43 -5.89 12.25
N LEU B 256 -12.44 -6.49 11.63
CA LEU B 256 -12.47 -7.91 11.42
C LEU B 256 -11.36 -8.32 10.45
N LEU B 257 -11.13 -7.50 9.44
CA LEU B 257 -10.08 -7.82 8.49
C LEU B 257 -8.73 -7.88 9.23
N GLU B 258 -8.47 -6.87 10.06
CA GLU B 258 -7.21 -6.76 10.78
C GLU B 258 -7.09 -7.88 11.80
N ILE B 259 -8.21 -8.33 12.33
CA ILE B 259 -8.20 -9.44 13.26
C ILE B 259 -7.68 -10.69 12.54
N ARG B 260 -8.21 -10.98 11.36
CA ARG B 260 -7.72 -12.08 10.52
C ARG B 260 -6.26 -11.91 10.09
N ASN B 261 -5.87 -10.70 9.68
CA ASN B 261 -4.54 -10.52 9.11
C ASN B 261 -3.39 -10.53 10.16
N GLN B 262 -3.68 -10.15 11.41
CA GLN B 262 -2.68 -10.15 12.47
C GLN B 262 -2.99 -11.28 13.46
N ASP B 263 -3.92 -12.14 13.09
CA ASP B 263 -4.35 -13.22 13.98
C ASP B 263 -4.60 -12.76 15.40
N LYS B 264 -5.44 -11.72 15.56
CA LYS B 264 -5.79 -11.24 16.89
C LYS B 264 -7.14 -11.79 17.31
N TYR B 265 -7.25 -13.11 17.33
CA TYR B 265 -8.56 -13.73 17.50
C TYR B 265 -9.16 -13.43 18.89
N TRP B 266 -8.31 -13.17 19.89
CA TRP B 266 -8.75 -12.71 21.21
C TRP B 266 -9.67 -11.50 21.16
N ALA B 267 -9.53 -10.65 20.15
CA ALA B 267 -10.39 -9.47 20.08
C ALA B 267 -11.83 -9.81 19.62
N LEU B 268 -12.08 -11.02 19.13
CA LEU B 268 -13.43 -11.37 18.65
C LEU B 268 -14.49 -11.42 19.77
N ARG B 269 -14.12 -11.97 20.92
CA ARG B 269 -15.00 -12.00 22.09
C ARG B 269 -15.57 -10.61 22.35
N HIS B 270 -14.82 -9.58 21.99
CA HIS B 270 -15.21 -8.20 22.25
C HIS B 270 -16.12 -7.55 21.16
N VAL B 271 -16.17 -8.17 19.99
CA VAL B 271 -16.86 -7.60 18.84
C VAL B 271 -18.13 -8.40 18.45
N LYS B 272 -18.08 -9.70 18.70
CA LYS B 272 -19.06 -10.64 18.16
C LYS B 272 -20.50 -10.39 18.55
N LYS B 273 -20.72 -9.86 19.74
CA LYS B 273 -22.08 -9.74 20.26
C LYS B 273 -22.89 -8.67 19.54
N ILE B 274 -22.23 -7.67 18.99
CA ILE B 274 -22.98 -6.63 18.30
C ILE B 274 -23.12 -6.88 16.78
N LEU B 275 -22.41 -7.85 16.24
CA LEU B 275 -22.47 -8.08 14.78
C LEU B 275 -23.91 -8.34 14.32
N PRO B 276 -24.67 -9.12 15.11
CA PRO B 276 -26.08 -9.32 14.76
C PRO B 276 -26.87 -8.02 14.64
N VAL B 277 -26.44 -6.94 15.28
CA VAL B 277 -27.22 -5.70 15.19
C VAL B 277 -27.21 -5.13 13.79
N PHE B 278 -26.04 -5.16 13.14
CA PHE B 278 -25.93 -4.76 11.75
C PHE B 278 -26.83 -5.58 10.84
N ALA B 279 -26.91 -6.89 11.06
CA ALA B 279 -27.79 -7.73 10.23
C ALA B 279 -29.25 -7.35 10.47
N GLN B 280 -29.60 -7.13 11.73
CA GLN B 280 -30.95 -6.71 12.06
C GLN B 280 -31.30 -5.42 11.34
N LEU B 281 -30.42 -4.43 11.41
CA LEU B 281 -30.69 -3.14 10.76
C LEU B 281 -30.88 -3.33 9.24
N PHE B 282 -30.05 -4.18 8.65
CA PHE B 282 -30.09 -4.49 7.22
C PHE B 282 -31.46 -5.08 6.81
N GLU B 283 -31.98 -6.02 7.61
CA GLU B 283 -33.30 -6.63 7.40
C GLU B 283 -34.43 -5.61 7.52
N ASP B 284 -34.33 -4.74 8.53
CA ASP B 284 -35.49 -3.96 8.95
C ASP B 284 -35.71 -2.69 8.13
N THR B 285 -36.04 -2.88 6.85
CA THR B 285 -36.23 -1.77 5.92
C THR B 285 -37.44 -0.93 6.30
N GLU B 286 -38.33 -1.52 7.08
CA GLU B 286 -39.53 -0.84 7.53
C GLU B 286 -39.18 0.30 8.48
N ASN B 287 -38.41 -0.01 9.53
CA ASN B 287 -38.09 0.97 10.57
C ASN B 287 -36.80 1.75 10.31
N TYR B 288 -35.92 1.17 9.50
CA TYR B 288 -34.65 1.83 9.17
C TYR B 288 -34.35 1.77 7.68
N PRO B 289 -35.22 2.37 6.86
CA PRO B 289 -35.05 2.31 5.40
C PRO B 289 -33.73 2.93 4.87
N ASP B 290 -33.15 3.87 5.62
CA ASP B 290 -31.87 4.45 5.24
C ASP B 290 -30.75 3.43 5.21
N VAL B 291 -30.82 2.40 6.07
CA VAL B 291 -29.78 1.38 6.08
C VAL B 291 -29.65 0.71 4.71
N ARG B 292 -30.70 0.07 4.20
CA ARG B 292 -30.61 -0.53 2.86
C ARG B 292 -30.44 0.52 1.76
N ALA B 293 -30.99 1.71 1.98
CA ALA B 293 -30.98 2.73 0.96
C ALA B 293 -29.55 3.21 0.68
N PHE B 294 -28.79 3.50 1.74
CA PHE B 294 -27.49 4.13 1.57
C PHE B 294 -26.25 3.30 2.00
N SER B 295 -26.45 2.14 2.63
CA SER B 295 -25.30 1.40 3.13
C SER B 295 -25.29 -0.10 2.78
N THR B 296 -26.05 -0.49 1.77
CA THR B 296 -26.11 -1.90 1.39
C THR B 296 -24.74 -2.49 1.06
N ASN B 297 -23.97 -1.81 0.22
CA ASN B 297 -22.66 -2.32 -0.22
C ASN B 297 -21.64 -2.48 0.91
N CYS B 298 -21.53 -1.49 1.79
CA CYS B 298 -20.65 -1.57 2.93
C CYS B 298 -21.05 -2.72 3.87
N LEU B 299 -22.35 -2.88 4.08
CA LEU B 299 -22.86 -3.95 4.94
C LEU B 299 -22.54 -5.32 4.33
N LEU B 300 -22.67 -5.42 3.01
CA LEU B 300 -22.27 -6.65 2.35
C LEU B 300 -20.81 -6.98 2.64
N GLN B 301 -19.92 -6.00 2.56
CA GLN B 301 -18.50 -6.26 2.84
C GLN B 301 -18.28 -6.66 4.31
N LEU B 302 -19.06 -6.08 5.22
CA LEU B 302 -18.98 -6.48 6.62
C LEU B 302 -19.38 -7.96 6.76
N PHE B 303 -20.51 -8.33 6.19
CA PHE B 303 -21.05 -9.67 6.34
C PHE B 303 -20.14 -10.69 5.71
N ALA B 304 -19.42 -10.29 4.68
CA ALA B 304 -18.38 -11.11 4.09
C ALA B 304 -17.31 -11.47 5.11
N GLU B 305 -16.84 -10.48 5.89
CA GLU B 305 -15.90 -10.74 6.98
C GLU B 305 -16.52 -11.59 8.09
N VAL B 306 -17.77 -11.31 8.45
CA VAL B 306 -18.37 -12.06 9.54
C VAL B 306 -18.48 -13.55 9.17
N SER B 307 -18.69 -13.84 7.87
CA SER B 307 -18.80 -15.23 7.40
C SER B 307 -17.46 -15.94 7.44
N ARG B 308 -16.38 -15.18 7.59
CA ARG B 308 -15.08 -15.79 7.72
C ARG B 308 -14.53 -15.82 9.15
N ILE B 309 -15.30 -15.42 10.15
CA ILE B 309 -14.70 -15.33 11.50
C ILE B 309 -14.43 -16.74 12.06
N GLU B 310 -13.42 -16.75 12.92
CA GLU B 310 -13.02 -17.94 13.64
C GLU B 310 -14.05 -18.25 14.72
N GLU B 311 -14.99 -19.14 14.42
CA GLU B 311 -16.04 -19.55 15.36
C GLU B 311 -16.48 -20.96 15.06
N ASP B 312 -17.38 -21.48 15.89
CA ASP B 312 -17.80 -22.88 15.88
C ASP B 312 -19.01 -23.14 14.98
N GLU B 313 -18.77 -23.86 13.88
CA GLU B 313 -19.79 -24.14 12.87
C GLU B 313 -20.62 -22.90 12.52
N TYR B 314 -19.94 -21.78 12.32
CA TYR B 314 -20.61 -20.59 11.80
C TYR B 314 -21.80 -20.20 12.66
N SER B 315 -21.74 -20.46 13.96
CA SER B 315 -22.93 -20.31 14.78
C SER B 315 -23.46 -18.88 14.70
N LEU B 316 -22.55 -17.92 14.71
CA LEU B 316 -22.90 -16.51 14.70
C LEU B 316 -23.50 -16.16 13.33
N PHE B 317 -22.71 -16.39 12.28
CA PHE B 317 -23.15 -16.02 10.95
C PHE B 317 -24.40 -16.78 10.51
N LYS B 318 -24.54 -18.05 10.89
CA LYS B 318 -25.70 -18.80 10.44
C LYS B 318 -26.98 -18.30 11.11
N THR B 319 -26.85 -17.75 12.31
CA THR B 319 -28.02 -17.18 13.01
C THR B 319 -28.35 -15.77 12.46
N MET B 320 -27.33 -15.00 12.08
CA MET B 320 -27.58 -13.74 11.37
C MET B 320 -28.28 -14.00 10.02
N ASP B 321 -27.88 -15.08 9.35
CA ASP B 321 -28.46 -15.46 8.06
C ASP B 321 -29.91 -15.93 8.21
N LYS B 322 -30.14 -16.89 9.11
CA LYS B 322 -31.50 -17.36 9.41
C LYS B 322 -32.44 -16.19 9.79
N ASP B 323 -32.00 -15.35 10.73
CA ASP B 323 -32.86 -14.32 11.30
C ASP B 323 -33.04 -13.10 10.42
N SER B 324 -31.98 -12.69 9.73
CA SER B 324 -31.95 -11.38 9.15
C SER B 324 -31.54 -11.35 7.67
N LEU B 325 -30.45 -12.03 7.31
CA LEU B 325 -29.90 -11.89 5.97
C LEU B 325 -30.66 -12.71 4.94
N LYS B 326 -31.05 -13.92 5.30
CA LYS B 326 -31.88 -14.74 4.45
C LYS B 326 -31.33 -14.83 3.02
N ILE B 327 -30.09 -15.33 2.90
CA ILE B 327 -29.40 -15.43 1.63
C ILE B 327 -30.18 -16.32 0.65
N GLY B 328 -30.48 -15.79 -0.52
CA GLY B 328 -31.26 -16.50 -1.52
C GLY B 328 -32.68 -15.95 -1.68
N SER B 329 -33.19 -15.28 -0.65
CA SER B 329 -34.57 -14.80 -0.65
C SER B 329 -34.78 -13.47 -1.37
N GLU B 330 -33.70 -12.76 -1.67
CA GLU B 330 -33.83 -11.50 -2.36
C GLU B 330 -32.98 -11.54 -3.64
N ALA B 331 -33.68 -11.63 -4.75
CA ALA B 331 -33.10 -11.88 -6.07
C ALA B 331 -31.94 -10.96 -6.38
N LYS B 332 -32.17 -9.66 -6.19
CA LYS B 332 -31.22 -8.63 -6.54
C LYS B 332 -29.89 -8.73 -5.78
N LEU B 333 -29.85 -9.51 -4.71
CA LEU B 333 -28.63 -9.62 -3.91
C LEU B 333 -27.84 -10.89 -4.16
N ILE B 334 -28.38 -11.83 -4.93
CA ILE B 334 -27.82 -13.20 -4.91
C ILE B 334 -26.40 -13.28 -5.48
N THR B 335 -26.16 -12.60 -6.59
CA THR B 335 -24.82 -12.51 -7.15
C THR B 335 -23.82 -11.95 -6.13
N GLU B 336 -24.19 -10.89 -5.42
CA GLU B 336 -23.28 -10.33 -4.42
C GLU B 336 -23.02 -11.30 -3.28
N TRP B 337 -24.06 -11.97 -2.77
CA TRP B 337 -23.84 -12.96 -1.72
C TRP B 337 -22.88 -14.05 -2.22
N LEU B 338 -23.10 -14.53 -3.44
CA LEU B 338 -22.29 -15.63 -3.96
C LEU B 338 -20.89 -15.17 -4.36
N GLU B 339 -20.70 -13.86 -4.55
CA GLU B 339 -19.37 -13.30 -4.77
C GLU B 339 -18.57 -13.06 -3.48
N LEU B 340 -19.27 -12.93 -2.36
CA LEU B 340 -18.67 -12.32 -1.16
C LEU B 340 -18.63 -13.24 0.06
N ILE B 341 -19.68 -14.01 0.29
CA ILE B 341 -19.79 -14.85 1.48
C ILE B 341 -18.89 -16.06 1.40
N ASN B 342 -18.30 -16.41 2.54
CA ASN B 342 -17.49 -17.63 2.67
C ASN B 342 -18.08 -18.82 1.89
N PRO B 343 -17.37 -19.34 0.87
CA PRO B 343 -17.97 -20.37 0.01
C PRO B 343 -18.26 -21.69 0.75
N GLN B 344 -17.52 -21.98 1.81
CA GLN B 344 -17.84 -23.16 2.60
C GLN B 344 -19.16 -22.96 3.33
N TYR B 345 -19.36 -21.79 3.90
CA TYR B 345 -20.66 -21.47 4.44
C TYR B 345 -21.76 -21.66 3.38
N LEU B 346 -21.56 -21.08 2.20
CA LEU B 346 -22.59 -21.10 1.18
C LEU B 346 -22.95 -22.54 0.75
N VAL B 347 -21.97 -23.40 0.57
CA VAL B 347 -22.27 -24.76 0.13
C VAL B 347 -22.93 -25.62 1.26
N LYS B 348 -22.54 -25.39 2.52
CA LYS B 348 -23.16 -26.07 3.66
C LYS B 348 -24.61 -25.65 3.90
N TYR B 349 -24.91 -24.35 3.77
CA TYR B 349 -26.25 -23.88 4.11
C TYR B 349 -27.11 -23.44 2.94
N HIS B 350 -26.50 -23.25 1.77
CA HIS B 350 -27.25 -22.81 0.58
C HIS B 350 -26.80 -23.48 -0.72
N LYS B 351 -26.60 -24.79 -0.65
CA LYS B 351 -26.13 -25.59 -1.80
C LYS B 351 -27.12 -25.44 -2.94
N ASP B 352 -28.38 -25.54 -2.58
CA ASP B 352 -29.55 -25.15 -3.34
C ASP B 352 -29.34 -23.94 -4.26
N VAL B 353 -28.98 -22.79 -3.68
CA VAL B 353 -28.77 -21.56 -4.45
C VAL B 353 -27.54 -21.68 -5.36
N VAL B 354 -26.45 -22.22 -4.82
CA VAL B 354 -25.22 -22.40 -5.60
C VAL B 354 -25.46 -23.25 -6.88
N GLU B 355 -26.15 -24.38 -6.72
CA GLU B 355 -26.43 -25.34 -7.79
C GLU B 355 -27.35 -24.81 -8.89
N ASN B 356 -28.30 -23.97 -8.52
CA ASN B 356 -29.30 -23.48 -9.46
C ASN B 356 -29.01 -22.09 -10.02
N TYR B 357 -28.23 -21.31 -9.30
CA TYR B 357 -28.05 -19.93 -9.70
C TYR B 357 -26.84 -19.79 -10.60
N PHE B 358 -25.75 -20.49 -10.29
CA PHE B 358 -24.50 -20.27 -11.01
C PHE B 358 -24.44 -20.98 -12.39
N HIS B 359 -24.01 -20.20 -13.38
CA HIS B 359 -23.69 -20.70 -14.74
C HIS B 359 -22.45 -19.95 -15.23
N VAL B 360 -21.64 -20.60 -16.05
CA VAL B 360 -20.38 -20.02 -16.50
C VAL B 360 -20.59 -18.95 -17.58
N SER B 361 -19.89 -17.82 -17.41
CA SER B 361 -19.91 -16.70 -18.35
C SER B 361 -18.96 -15.66 -17.84
N GLY B 362 -18.76 -14.57 -18.59
CA GLY B 362 -17.96 -13.44 -18.12
C GLY B 362 -18.57 -12.74 -16.92
N TYR B 363 -19.88 -12.51 -16.98
CA TYR B 363 -20.67 -11.98 -15.89
C TYR B 363 -20.42 -12.71 -14.57
N SER B 364 -20.29 -14.03 -14.61
CA SER B 364 -20.23 -14.84 -13.39
C SER B 364 -18.82 -15.06 -12.82
N ILE B 365 -17.85 -14.31 -13.33
CA ILE B 365 -16.46 -14.49 -12.95
C ILE B 365 -16.19 -14.16 -11.49
N GLY B 366 -16.75 -13.06 -10.99
CA GLY B 366 -16.74 -12.76 -9.57
C GLY B 366 -17.27 -13.91 -8.72
N MET B 367 -18.45 -14.44 -9.06
CA MET B 367 -18.93 -15.63 -8.36
C MET B 367 -17.93 -16.79 -8.43
N LEU B 368 -17.39 -17.06 -9.61
CA LEU B 368 -16.47 -18.17 -9.76
C LEU B 368 -15.23 -18.03 -8.87
N ARG B 369 -14.68 -16.84 -8.77
CA ARG B 369 -13.48 -16.66 -7.94
C ARG B 369 -13.78 -16.97 -6.47
N ASN B 370 -14.99 -16.69 -6.02
CA ASN B 370 -15.36 -16.98 -4.63
C ASN B 370 -15.73 -18.45 -4.44
N LEU B 371 -16.62 -18.96 -5.28
CA LEU B 371 -17.22 -20.27 -5.06
C LEU B 371 -16.17 -21.37 -5.22
N SER B 372 -15.14 -21.12 -6.01
CA SER B 372 -14.16 -22.16 -6.29
C SER B 372 -13.04 -22.18 -5.23
N ALA B 373 -13.13 -21.30 -4.24
CA ALA B 373 -12.12 -21.24 -3.19
C ALA B 373 -12.45 -22.19 -2.04
N ASP B 374 -13.51 -22.97 -2.18
CA ASP B 374 -13.72 -24.12 -1.31
C ASP B 374 -14.00 -25.35 -2.14
N GLU B 375 -13.41 -26.47 -1.73
CA GLU B 375 -13.48 -27.71 -2.51
C GLU B 375 -14.89 -28.22 -2.64
N GLU B 376 -15.61 -28.30 -1.53
CA GLU B 376 -16.99 -28.74 -1.58
C GLU B 376 -17.86 -27.77 -2.39
N CYS B 377 -17.57 -26.48 -2.27
CA CYS B 377 -18.34 -25.50 -3.03
C CYS B 377 -18.06 -25.63 -4.55
N PHE B 378 -16.82 -25.89 -4.90
CA PHE B 378 -16.47 -26.04 -6.31
C PHE B 378 -17.16 -27.27 -6.91
N ASN B 379 -17.21 -28.36 -6.15
CA ASN B 379 -17.89 -29.57 -6.60
C ASN B 379 -19.36 -29.36 -6.89
N ALA B 380 -19.96 -28.33 -6.29
CA ALA B 380 -21.34 -28.00 -6.58
C ALA B 380 -21.54 -27.14 -7.85
N ILE B 381 -20.46 -26.58 -8.40
CA ILE B 381 -20.55 -25.85 -9.66
C ILE B 381 -19.78 -26.53 -10.80
N ARG B 382 -19.06 -27.60 -10.48
CA ARG B 382 -18.28 -28.35 -11.48
C ARG B 382 -19.12 -28.69 -12.73
N ASN B 383 -20.35 -29.16 -12.54
CA ASN B 383 -21.16 -29.61 -13.66
C ASN B 383 -21.68 -28.48 -14.55
N LYS B 384 -21.24 -27.25 -14.28
CA LYS B 384 -21.56 -26.13 -15.16
C LYS B 384 -20.39 -25.85 -16.14
N PHE B 385 -19.27 -26.53 -15.93
CA PHE B 385 -18.14 -26.40 -16.83
C PHE B 385 -18.10 -27.45 -17.94
N SER B 386 -17.71 -26.99 -19.11
CA SER B 386 -17.20 -27.87 -20.16
C SER B 386 -16.16 -27.05 -20.91
N ALA B 387 -15.21 -27.73 -21.53
CA ALA B 387 -14.22 -27.05 -22.34
C ALA B 387 -14.93 -26.15 -23.36
N GLU B 388 -16.01 -26.68 -23.92
CA GLU B 388 -16.71 -26.01 -25.00
C GLU B 388 -17.28 -24.68 -24.52
N ILE B 389 -17.83 -24.67 -23.31
CA ILE B 389 -18.39 -23.44 -22.72
C ILE B 389 -17.31 -22.40 -22.48
N VAL B 390 -16.16 -22.83 -21.97
CA VAL B 390 -15.06 -21.89 -21.72
C VAL B 390 -14.50 -21.30 -23.00
N LEU B 391 -14.35 -22.13 -24.03
CA LEU B 391 -13.70 -21.74 -25.28
C LEU B 391 -14.50 -20.72 -26.05
N ARG B 392 -15.81 -20.65 -25.82
CA ARG B 392 -16.64 -19.63 -26.47
C ARG B 392 -16.53 -18.27 -25.80
N LEU B 393 -15.83 -18.18 -24.66
CA LEU B 393 -15.56 -16.88 -24.04
C LEU B 393 -14.51 -16.10 -24.84
N PRO B 394 -14.53 -14.77 -24.77
CA PRO B 394 -13.41 -14.00 -25.33
C PRO B 394 -12.15 -14.29 -24.54
N TYR B 395 -10.98 -14.16 -25.15
CA TYR B 395 -9.73 -14.67 -24.56
C TYR B 395 -9.45 -14.13 -23.16
N LEU B 396 -9.70 -12.83 -22.96
CA LEU B 396 -9.52 -12.20 -21.65
C LEU B 396 -10.32 -12.94 -20.56
N GLU B 397 -11.58 -13.20 -20.86
CA GLU B 397 -12.45 -13.88 -19.91
C GLU B 397 -12.00 -15.31 -19.72
N GLN B 398 -11.50 -15.95 -20.79
CA GLN B 398 -10.94 -17.29 -20.69
C GLN B 398 -9.78 -17.30 -19.70
N MET B 399 -8.88 -16.34 -19.82
CA MET B 399 -7.69 -16.32 -18.99
C MET B 399 -8.07 -16.02 -17.53
N GLN B 400 -9.14 -15.28 -17.30
CA GLN B 400 -9.66 -15.08 -15.95
C GLN B 400 -10.18 -16.37 -15.34
N VAL B 401 -10.97 -17.11 -16.11
CA VAL B 401 -11.48 -18.40 -15.66
C VAL B 401 -10.32 -19.35 -15.39
N VAL B 402 -9.46 -19.51 -16.38
CA VAL B 402 -8.30 -20.38 -16.23
C VAL B 402 -7.43 -20.02 -15.02
N GLU B 403 -7.18 -18.73 -14.82
CA GLU B 403 -6.34 -18.29 -13.71
C GLU B 403 -6.94 -18.71 -12.36
N THR B 404 -8.26 -18.55 -12.23
CA THR B 404 -8.96 -18.98 -11.02
C THR B 404 -8.81 -20.50 -10.83
N LEU B 405 -9.02 -21.26 -11.91
CA LEU B 405 -8.90 -22.70 -11.84
C LEU B 405 -7.46 -23.18 -11.54
N THR B 406 -6.46 -22.38 -11.88
CA THR B 406 -5.08 -22.70 -11.50
C THR B 406 -4.72 -22.40 -10.02
N ARG B 407 -5.65 -21.79 -9.28
CA ARG B 407 -5.33 -21.38 -7.89
C ARG B 407 -5.32 -22.52 -6.85
N TYR B 408 -6.08 -23.59 -7.10
CA TYR B 408 -6.23 -24.67 -6.15
C TYR B 408 -5.91 -26.01 -6.78
N GLU B 409 -5.51 -26.95 -5.93
CA GLU B 409 -5.19 -28.32 -6.34
C GLU B 409 -6.39 -29.00 -7.01
N TYR B 410 -7.58 -28.83 -6.43
CA TYR B 410 -8.78 -29.51 -6.90
C TYR B 410 -9.37 -28.89 -8.18
N THR B 411 -9.36 -27.57 -8.31
CA THR B 411 -9.77 -26.94 -9.57
C THR B 411 -8.75 -27.21 -10.69
N SER B 412 -7.48 -27.33 -10.31
CA SER B 412 -6.39 -27.51 -11.27
C SER B 412 -6.46 -28.91 -11.89
N LYS B 413 -6.75 -29.89 -11.04
CA LYS B 413 -6.86 -31.26 -11.47
C LYS B 413 -8.04 -31.38 -12.42
N PHE B 414 -9.07 -30.59 -12.17
CA PHE B 414 -10.24 -30.59 -13.01
C PHE B 414 -9.93 -30.03 -14.39
N LEU B 415 -9.19 -28.93 -14.42
CA LEU B 415 -8.80 -28.29 -15.67
C LEU B 415 -7.96 -29.24 -16.54
N LEU B 416 -6.92 -29.82 -15.95
CA LEU B 416 -5.99 -30.71 -16.65
C LEU B 416 -6.64 -32.03 -17.08
N ASN B 417 -7.43 -32.64 -16.20
CA ASN B 417 -7.99 -33.94 -16.49
C ASN B 417 -9.32 -33.89 -17.25
N GLU B 418 -10.06 -32.79 -17.14
CA GLU B 418 -11.36 -32.73 -17.81
C GLU B 418 -11.52 -31.66 -18.88
N MET B 419 -10.61 -30.69 -18.95
CA MET B 419 -10.72 -29.64 -19.97
C MET B 419 -9.40 -29.42 -20.69
N PRO B 420 -8.78 -30.51 -21.16
CA PRO B 420 -7.47 -30.38 -21.80
C PRO B 420 -7.49 -29.40 -23.00
N LYS B 421 -8.66 -29.18 -23.59
CA LYS B 421 -8.79 -28.26 -24.71
C LYS B 421 -8.66 -26.80 -24.24
N VAL B 422 -9.10 -26.53 -23.03
CA VAL B 422 -8.88 -25.23 -22.43
C VAL B 422 -7.36 -25.06 -22.16
N MET B 423 -6.72 -26.12 -21.69
CA MET B 423 -5.28 -26.12 -21.57
C MET B 423 -4.64 -25.79 -22.92
N GLY B 424 -5.23 -26.33 -23.98
CA GLY B 424 -4.76 -26.05 -25.33
C GLY B 424 -4.92 -24.58 -25.70
N SER B 425 -6.00 -23.93 -25.26
CA SER B 425 -6.23 -22.52 -25.57
C SER B 425 -5.31 -21.62 -24.74
N LEU B 426 -4.94 -22.07 -23.55
CA LEU B 426 -3.96 -21.36 -22.72
C LEU B 426 -2.56 -21.48 -23.33
N ILE B 427 -2.21 -22.66 -23.84
CA ILE B 427 -0.91 -22.81 -24.50
C ILE B 427 -0.92 -21.99 -25.79
N GLY B 428 -1.96 -22.14 -26.59
CA GLY B 428 -2.18 -21.25 -27.72
C GLY B 428 -1.36 -21.58 -28.97
N ASP B 429 -1.41 -20.67 -29.94
CA ASP B 429 -0.67 -20.81 -31.21
C ASP B 429 0.83 -20.60 -31.02
N ILE B 435 -1.03 -10.35 -28.33
CA ILE B 435 -1.66 -10.12 -27.02
C ILE B 435 -1.26 -8.77 -26.43
N ILE B 436 -2.10 -7.76 -26.65
CA ILE B 436 -1.81 -6.41 -26.24
C ILE B 436 -2.34 -6.09 -24.83
N ASP B 437 -3.53 -6.60 -24.55
CA ASP B 437 -4.25 -6.28 -23.35
C ASP B 437 -3.44 -6.58 -22.07
N LEU B 438 -3.26 -5.54 -21.25
CA LEU B 438 -2.51 -5.66 -20.01
C LEU B 438 -3.18 -6.69 -19.10
N GLU B 439 -4.50 -6.61 -19.02
CA GLU B 439 -5.28 -7.52 -18.19
C GLU B 439 -5.07 -8.99 -18.63
N THR B 440 -5.25 -9.23 -19.92
CA THR B 440 -5.16 -10.59 -20.47
C THR B 440 -3.78 -11.18 -20.21
N VAL B 441 -2.75 -10.40 -20.43
CA VAL B 441 -1.39 -10.86 -20.15
C VAL B 441 -1.19 -11.14 -18.67
N HIS B 442 -1.77 -10.32 -17.81
CA HIS B 442 -1.63 -10.54 -16.39
C HIS B 442 -2.22 -11.92 -16.00
N TYR B 443 -3.47 -12.15 -16.39
CA TYR B 443 -4.17 -13.38 -16.01
C TYR B 443 -3.55 -14.61 -16.66
N ARG B 444 -3.20 -14.53 -17.94
CA ARG B 444 -2.49 -15.63 -18.59
C ARG B 444 -1.19 -16.03 -17.88
N ASN B 445 -0.32 -15.07 -17.66
CA ASN B 445 0.98 -15.33 -17.06
C ASN B 445 0.82 -15.83 -15.63
N SER B 446 -0.22 -15.34 -14.97
CA SER B 446 -0.52 -15.81 -13.63
C SER B 446 -0.94 -17.29 -13.69
N ALA B 447 -1.80 -17.61 -14.64
CA ALA B 447 -2.23 -19.01 -14.85
C ALA B 447 -1.02 -19.93 -15.14
N LEU B 448 -0.19 -19.51 -16.08
CA LEU B 448 1.03 -20.25 -16.44
C LEU B 448 1.88 -20.52 -15.21
N ARG B 449 2.13 -19.46 -14.44
CA ARG B 449 2.99 -19.56 -13.26
C ARG B 449 2.42 -20.51 -12.22
N ASN B 450 1.14 -20.33 -11.89
CA ASN B 450 0.42 -21.19 -10.96
C ASN B 450 0.46 -22.68 -11.31
N LEU B 451 0.43 -23.00 -12.59
CA LEU B 451 0.50 -24.40 -13.00
C LEU B 451 1.89 -24.96 -12.80
N LEU B 452 2.90 -24.17 -13.17
CA LEU B 452 4.29 -24.58 -13.04
C LEU B 452 4.72 -24.79 -11.58
N ASP B 453 4.06 -24.09 -10.66
CA ASP B 453 4.36 -24.27 -9.24
C ASP B 453 3.95 -25.66 -8.77
N LYS B 454 3.21 -26.40 -9.61
CA LYS B 454 2.86 -27.79 -9.29
C LYS B 454 4.00 -28.77 -9.54
N GLY B 455 4.97 -28.38 -10.36
CA GLY B 455 6.09 -29.24 -10.68
C GLY B 455 5.79 -30.20 -11.81
N GLU B 456 6.84 -30.80 -12.36
CA GLU B 456 6.73 -31.67 -13.53
C GLU B 456 5.76 -32.82 -13.28
N GLU B 457 5.79 -33.38 -12.07
CA GLU B 457 5.01 -34.58 -11.74
C GLU B 457 3.50 -34.46 -12.01
N LYS B 458 2.89 -33.36 -11.57
CA LYS B 458 1.44 -33.19 -11.64
C LYS B 458 0.96 -32.73 -13.03
N LEU B 459 1.86 -32.14 -13.78
CA LEU B 459 1.50 -31.52 -15.05
C LEU B 459 1.63 -32.50 -16.21
N SER B 460 2.29 -33.62 -15.98
CA SER B 460 2.34 -34.66 -16.99
C SER B 460 2.91 -34.03 -18.26
N VAL B 461 2.21 -34.21 -19.38
CA VAL B 461 2.70 -33.74 -20.66
C VAL B 461 2.67 -32.22 -20.81
N TRP B 462 1.91 -31.55 -19.95
CA TRP B 462 1.74 -30.10 -20.08
C TRP B 462 2.95 -29.30 -19.58
N TYR B 463 3.86 -29.96 -18.89
CA TYR B 463 4.98 -29.27 -18.29
C TYR B 463 5.80 -28.45 -19.31
N GLU B 464 6.29 -29.12 -20.35
CA GLU B 464 7.24 -28.49 -21.24
C GLU B 464 6.57 -27.41 -22.07
N PRO B 465 5.36 -27.67 -22.55
CA PRO B 465 4.65 -26.60 -23.26
C PRO B 465 4.33 -25.41 -22.35
N LEU B 466 4.14 -25.65 -21.06
CA LEU B 466 3.87 -24.54 -20.13
C LEU B 466 5.16 -23.79 -19.87
N LEU B 467 6.24 -24.54 -19.71
CA LEU B 467 7.53 -23.96 -19.41
C LEU B 467 7.99 -23.09 -20.56
N ARG B 468 7.63 -23.48 -21.79
CA ARG B 468 8.06 -22.75 -22.98
C ARG B 468 7.24 -21.48 -23.20
N GLU B 469 5.93 -21.55 -22.91
CA GLU B 469 5.04 -20.38 -22.97
C GLU B 469 5.35 -19.35 -21.88
N TYR B 470 5.71 -19.84 -20.70
CA TYR B 470 6.04 -18.95 -19.61
C TYR B 470 7.32 -18.21 -19.96
N SER B 471 8.33 -18.99 -20.39
CA SER B 471 9.59 -18.44 -20.87
C SER B 471 9.40 -17.39 -21.94
N LYS B 472 8.59 -17.70 -22.95
CA LYS B 472 8.34 -16.73 -24.00
C LYS B 472 7.77 -15.43 -23.45
N ALA B 473 6.85 -15.54 -22.49
CA ALA B 473 6.10 -14.37 -22.05
C ALA B 473 6.94 -13.50 -21.11
N VAL B 474 7.86 -14.18 -20.43
CA VAL B 474 8.61 -13.58 -19.36
C VAL B 474 9.99 -13.15 -19.85
N ASN B 475 10.56 -13.93 -20.77
CA ASN B 475 11.91 -13.69 -21.29
C ASN B 475 11.95 -13.01 -22.65
N GLY B 476 10.80 -12.88 -23.30
CA GLY B 476 10.73 -12.23 -24.60
C GLY B 476 11.32 -13.08 -25.71
#